data_7ZYI
#
_entry.id   7ZYI
#
_cell.length_a   1.00
_cell.length_b   1.00
_cell.length_c   1.00
_cell.angle_alpha   90.00
_cell.angle_beta   90.00
_cell.angle_gamma   90.00
#
_symmetry.space_group_name_H-M   'P 1'
#
loop_
_entity.id
_entity.type
_entity.pdbx_description
1 polymer 'Sodium/bile acid cotransporter'
2 polymer 'heavy chain of Fab'
3 polymer 'light chain of Fab'
4 polymer Nanobody
5 non-polymer CHOLESTEROL
6 non-polymer 'GLYCOCHENODEOXYCHOLIC ACID'
7 non-polymer 'SODIUM ION'
8 water water
#
loop_
_entity_poly.entity_id
_entity_poly.type
_entity_poly.pdbx_seq_one_letter_code
_entity_poly.pdbx_strand_id
1 'polypeptide(L)'
;MEAHNASAPFNFTLPPNFGKRPTDLALSVILVFMLFFIMLSLGCTMEFSKIKAHLWKPKGLAIALVAQYGIMPLTAFVLG
KVFRLKNIEALAILVCGCSPGGNLSNVFSLAMKGDMNLSIVMTTCSTFCALGMMPLLLYIYSRGIYDGDLKDKVPYKGIV
ISLVLVLIPCTIGIVLKSKRPQYMRYVIKGGMIIILLCSVAVTVLSAINVGKSIMFAMTPLLIATSSLMPFIGFLLGYVL
SALFCLNGRCRRTVSMETGCQNVQLCSTILNVAFPPEVIGPLFFFPLLYMIFQLGEGLLLIAIFWCYEKFKTPKDKTKMI
YTAATTEETIPGALGNGTYKGEDCSPCTA
;
A
2 'polypeptide(L)'
;EISEVQLVESGGGLVQPGGSLRLSCAASGFNVSYSSIHWVRQAPGKGLEWVASISSSYGYTSYADSVKGRFTISADTSKN
TAYLQMNSLRAEDTAVYYCARYMKQQSQMWYQRYWGFDYWGQGTLVTVSSASTKGPSVFPLAPSSKSTSGGTAALGCLVK
DYFPEPVTVSWNSGALTSGVHTFPAVLQSSGLYSLSSVVTVPSSSLGTQTYICNVNHKPSNTKVDKKVEPKSCDKTHT
;
H
3 'polypeptide(L)'
;SDIQMTQSPSSLSASVGDRVTITCRASQSVSSAVAWYQQKPGKAPKLLIYSASSLYSGVPSRFSGSRSGTDFTLTISSLQ
PEDFATYYCQQSYWSPITFGQGTKVEIKRTVAAPSVFIFPPSDSQLKSGTASVVCLLNNFYPREAKVQWKVDNALQSGNS
QESVTEQDSKDSTYSLSSTLTLSKADYEKHKVYACEVTHQGLSSPVTKSFNRGEC
;
L
4 'polypeptide(L)'
;VQLQESGGGLVQPGGSLRLSCAASGRTISRYAMSWFRQAPGKEREFVAVARRSGDGAFYADSVQGRFTVSRDDAKNTVYL
QMNSLKPEDTAVYYCAIDSDTFYSGSYDYWGQGTQVTVSS
;
K
#
# COMPACT_ATOMS: atom_id res chain seq x y z
N GLY A 19 -1.51 28.80 -8.39
CA GLY A 19 -0.18 28.67 -8.96
C GLY A 19 0.47 30.01 -9.26
N LYS A 20 1.77 29.99 -9.55
CA LYS A 20 2.52 31.19 -9.88
C LYS A 20 2.70 31.37 -11.39
N ARG A 21 1.99 30.60 -12.20
CA ARG A 21 2.05 30.77 -13.64
C ARG A 21 1.47 32.14 -14.02
N PRO A 22 1.95 32.74 -15.11
CA PRO A 22 1.37 34.01 -15.56
C PRO A 22 -0.12 33.90 -15.89
N THR A 23 -0.57 32.74 -16.34
CA THR A 23 -1.99 32.56 -16.66
C THR A 23 -2.86 32.73 -15.42
N ASP A 24 -2.42 32.19 -14.28
CA ASP A 24 -3.21 32.30 -13.07
C ASP A 24 -3.31 33.75 -12.60
N LEU A 25 -2.21 34.49 -12.64
CA LEU A 25 -2.26 35.89 -12.21
C LEU A 25 -3.10 36.72 -13.18
N ALA A 26 -3.03 36.43 -14.48
CA ALA A 26 -3.89 37.12 -15.43
C ALA A 26 -5.36 36.82 -15.14
N LEU A 27 -5.66 35.55 -14.84
CA LEU A 27 -7.03 35.19 -14.49
C LEU A 27 -7.50 35.92 -13.25
N SER A 28 -6.64 36.03 -12.24
CA SER A 28 -7.00 36.74 -11.02
C SER A 28 -7.25 38.22 -11.30
N VAL A 29 -6.40 38.83 -12.14
CA VAL A 29 -6.59 40.25 -12.47
C VAL A 29 -7.91 40.47 -13.19
N ILE A 30 -8.20 39.63 -14.19
CA ILE A 30 -9.44 39.80 -14.93
C ILE A 30 -10.65 39.54 -14.03
N LEU A 31 -10.54 38.56 -13.12
CA LEU A 31 -11.61 38.30 -12.17
C LEU A 31 -11.85 39.50 -11.27
N VAL A 32 -10.78 40.13 -10.79
CA VAL A 32 -10.91 41.31 -9.95
C VAL A 32 -11.61 42.44 -10.71
N PHE A 33 -11.21 42.66 -11.97
CA PHE A 33 -11.85 43.67 -12.78
C PHE A 33 -13.33 43.37 -12.99
N MET A 34 -13.65 42.11 -13.29
CA MET A 34 -15.04 41.72 -13.51
C MET A 34 -15.89 41.95 -12.27
N LEU A 35 -15.37 41.56 -11.10
CA LEU A 35 -16.11 41.76 -9.86
C LEU A 35 -16.29 43.24 -9.56
N PHE A 36 -15.24 44.03 -9.76
CA PHE A 36 -15.35 45.47 -9.52
C PHE A 36 -16.44 46.09 -10.38
N PHE A 37 -16.45 45.78 -11.68
CA PHE A 37 -17.43 46.40 -12.56
C PHE A 37 -18.85 45.86 -12.30
N ILE A 38 -18.97 44.56 -12.00
CA ILE A 38 -20.27 43.99 -11.67
C ILE A 38 -20.84 44.68 -10.44
N MET A 39 -20.01 44.88 -9.42
CA MET A 39 -20.53 45.40 -8.17
C MET A 39 -20.86 46.89 -8.30
N LEU A 40 -20.04 47.61 -9.08
CA LEU A 40 -20.36 49.00 -9.40
C LEU A 40 -21.68 49.11 -10.14
N SER A 41 -21.93 48.22 -11.09
CA SER A 41 -23.20 48.23 -11.82
C SER A 41 -24.36 47.95 -10.89
N LEU A 42 -24.21 46.98 -9.98
CA LEU A 42 -25.28 46.67 -9.04
C LEU A 42 -25.54 47.80 -8.05
N GLY A 43 -24.55 48.66 -7.81
CA GLY A 43 -24.68 49.69 -6.79
C GLY A 43 -25.85 50.63 -7.02
N CYS A 44 -26.34 50.74 -8.25
CA CYS A 44 -27.44 51.64 -8.56
C CYS A 44 -28.67 51.39 -7.69
N THR A 45 -29.03 50.13 -7.48
CA THR A 45 -30.28 49.85 -6.79
C THR A 45 -30.18 50.01 -5.27
N MET A 46 -29.13 50.66 -4.77
CA MET A 46 -28.93 50.83 -3.34
C MET A 46 -29.07 52.30 -2.95
N GLU A 47 -29.61 52.52 -1.75
CA GLU A 47 -29.76 53.86 -1.17
C GLU A 47 -29.22 53.84 0.24
N PHE A 48 -28.63 54.96 0.66
CA PHE A 48 -28.02 55.03 1.99
C PHE A 48 -29.06 54.99 3.09
N SER A 49 -30.25 55.56 2.86
CA SER A 49 -31.29 55.56 3.88
C SER A 49 -31.74 54.14 4.21
N LYS A 50 -31.94 53.31 3.19
CA LYS A 50 -32.39 51.95 3.43
C LYS A 50 -31.30 51.11 4.08
N ILE A 51 -30.04 51.32 3.68
CA ILE A 51 -28.93 50.62 4.32
C ILE A 51 -28.85 50.99 5.80
N LYS A 52 -28.98 52.28 6.11
CA LYS A 52 -28.96 52.71 7.50
C LYS A 52 -30.13 52.13 8.27
N ALA A 53 -31.32 52.09 7.65
CA ALA A 53 -32.49 51.53 8.33
C ALA A 53 -32.29 50.05 8.62
N HIS A 54 -31.74 49.30 7.67
CA HIS A 54 -31.51 47.88 7.89
C HIS A 54 -30.44 47.65 8.96
N LEU A 55 -29.42 48.50 9.01
CA LEU A 55 -28.43 48.40 10.06
C LEU A 55 -29.02 48.73 11.43
N TRP A 56 -29.93 49.71 11.47
CA TRP A 56 -30.45 50.20 12.75
C TRP A 56 -31.27 49.13 13.48
N LYS A 57 -32.11 48.40 12.74
CA LYS A 57 -32.97 47.38 13.32
C LYS A 57 -32.68 46.06 12.60
N PRO A 58 -31.69 45.30 13.07
CA PRO A 58 -31.27 44.09 12.37
C PRO A 58 -32.12 42.87 12.70
N LYS A 59 -32.96 42.48 11.75
CA LYS A 59 -33.74 41.25 11.84
C LYS A 59 -33.30 40.24 10.79
N GLY A 60 -33.36 40.61 9.52
CA GLY A 60 -32.83 39.75 8.47
C GLY A 60 -31.34 39.55 8.57
N LEU A 61 -30.60 40.58 9.00
CA LEU A 61 -29.17 40.44 9.19
C LEU A 61 -28.87 39.41 10.28
N ALA A 62 -29.58 39.48 11.40
CA ALA A 62 -29.38 38.51 12.48
C ALA A 62 -29.74 37.11 12.01
N ILE A 63 -30.86 36.97 11.29
CA ILE A 63 -31.25 35.65 10.79
C ILE A 63 -30.20 35.10 9.85
N ALA A 64 -29.66 35.95 8.96
CA ALA A 64 -28.64 35.49 8.02
C ALA A 64 -27.35 35.08 8.74
N LEU A 65 -26.91 35.87 9.72
CA LEU A 65 -25.69 35.52 10.44
C LEU A 65 -25.87 34.22 11.21
N VAL A 66 -27.04 34.03 11.83
CA VAL A 66 -27.32 32.78 12.52
C VAL A 66 -27.29 31.61 11.55
N ALA A 67 -28.02 31.73 10.44
CA ALA A 67 -28.04 30.64 9.45
C ALA A 67 -26.68 30.40 8.83
N GLN A 68 -25.80 31.40 8.82
CA GLN A 68 -24.49 31.25 8.20
C GLN A 68 -23.51 30.55 9.13
N TYR A 69 -23.37 31.04 10.36
CA TYR A 69 -22.33 30.53 11.27
C TYR A 69 -22.92 29.77 12.46
N GLY A 70 -24.13 29.25 12.34
CA GLY A 70 -24.64 28.41 13.40
C GLY A 70 -25.15 27.04 12.98
N ILE A 71 -25.62 26.92 11.74
CA ILE A 71 -26.25 25.66 11.33
C ILE A 71 -25.59 25.11 10.07
N MET A 72 -25.06 26.00 9.23
CA MET A 72 -24.39 25.53 8.01
C MET A 72 -23.12 24.75 8.33
N PRO A 73 -22.25 25.21 9.24
CA PRO A 73 -21.12 24.35 9.65
C PRO A 73 -21.57 23.02 10.22
N LEU A 74 -22.65 23.03 11.01
CA LEU A 74 -23.20 21.78 11.53
C LEU A 74 -23.69 20.89 10.40
N THR A 75 -24.33 21.48 9.38
CA THR A 75 -24.78 20.68 8.25
C THR A 75 -23.61 20.07 7.50
N ALA A 76 -22.52 20.82 7.34
CA ALA A 76 -21.33 20.27 6.70
C ALA A 76 -20.75 19.12 7.51
N PHE A 77 -20.69 19.27 8.84
CA PHE A 77 -20.20 18.19 9.69
C PHE A 77 -21.06 16.94 9.57
N VAL A 78 -22.39 17.12 9.59
CA VAL A 78 -23.29 15.98 9.53
C VAL A 78 -23.21 15.31 8.15
N LEU A 79 -23.05 16.10 7.09
CA LEU A 79 -22.89 15.52 5.77
C LEU A 79 -21.59 14.73 5.66
N GLY A 80 -20.51 15.25 6.26
CA GLY A 80 -19.26 14.50 6.29
C GLY A 80 -19.38 13.20 7.04
N LYS A 81 -20.17 13.19 8.12
CA LYS A 81 -20.35 11.95 8.87
C LYS A 81 -21.24 10.96 8.14
N VAL A 82 -22.34 11.42 7.54
CA VAL A 82 -23.31 10.52 6.92
C VAL A 82 -22.72 9.93 5.65
N PHE A 83 -22.40 10.76 4.68
CA PHE A 83 -21.67 10.31 3.49
C PHE A 83 -20.24 9.98 3.91
N ARG A 84 -19.88 8.70 3.85
CA ARG A 84 -18.57 8.28 4.33
C ARG A 84 -17.47 8.91 3.49
N LEU A 85 -16.80 9.92 4.04
CA LEU A 85 -15.79 10.69 3.33
C LEU A 85 -14.46 10.59 4.07
N LYS A 86 -13.38 10.75 3.32
CA LYS A 86 -12.05 10.73 3.89
C LYS A 86 -11.77 12.03 4.64
N ASN A 87 -10.60 12.11 5.26
CA ASN A 87 -10.28 13.26 6.10
C ASN A 87 -10.22 14.55 5.27
N ILE A 88 -9.56 14.50 4.12
CA ILE A 88 -9.36 15.72 3.34
C ILE A 88 -10.68 16.18 2.73
N GLU A 89 -11.50 15.25 2.24
CA GLU A 89 -12.80 15.63 1.68
C GLU A 89 -13.72 16.22 2.74
N ALA A 90 -13.73 15.61 3.93
CA ALA A 90 -14.53 16.14 5.02
C ALA A 90 -14.05 17.52 5.44
N LEU A 91 -12.73 17.72 5.49
CA LEU A 91 -12.19 19.04 5.83
C LEU A 91 -12.57 20.07 4.78
N ALA A 92 -12.50 19.70 3.49
CA ALA A 92 -12.88 20.63 2.44
C ALA A 92 -14.36 21.02 2.55
N ILE A 93 -15.23 20.04 2.80
CA ILE A 93 -16.65 20.34 2.96
C ILE A 93 -16.87 21.25 4.16
N LEU A 94 -16.18 20.96 5.27
CA LEU A 94 -16.33 21.78 6.47
C LEU A 94 -15.86 23.22 6.24
N VAL A 95 -14.74 23.39 5.54
CA VAL A 95 -14.25 24.73 5.25
C VAL A 95 -15.22 25.46 4.34
N CYS A 96 -15.77 24.78 3.34
CA CYS A 96 -16.78 25.40 2.49
C CYS A 96 -18.04 25.75 3.28
N GLY A 97 -18.31 25.05 4.38
CA GLY A 97 -19.45 25.35 5.21
C GLY A 97 -19.25 26.46 6.22
N CYS A 98 -18.08 27.12 6.22
CA CYS A 98 -17.81 28.20 7.15
C CYS A 98 -17.47 29.52 6.47
N SER A 99 -17.29 29.54 5.15
CA SER A 99 -16.86 30.74 4.44
C SER A 99 -17.99 31.75 4.32
N PRO A 100 -17.66 33.03 4.09
CA PRO A 100 -18.69 34.04 3.88
C PRO A 100 -19.50 33.80 2.60
N GLY A 101 -20.51 34.64 2.38
CA GLY A 101 -21.41 34.42 1.26
C GLY A 101 -20.76 34.64 -0.10
N GLY A 102 -19.94 35.68 -0.22
CA GLY A 102 -19.37 36.03 -1.51
C GLY A 102 -20.25 36.98 -2.29
N ASN A 103 -19.79 37.31 -3.49
CA ASN A 103 -20.45 38.30 -4.33
C ASN A 103 -21.45 37.70 -5.31
N LEU A 104 -21.58 36.37 -5.37
CA LEU A 104 -22.60 35.76 -6.21
C LEU A 104 -23.99 35.96 -5.64
N SER A 105 -24.09 36.07 -4.31
CA SER A 105 -25.38 36.27 -3.67
C SER A 105 -26.01 37.60 -4.06
N ASN A 106 -25.18 38.64 -4.28
CA ASN A 106 -25.72 39.92 -4.72
C ASN A 106 -26.35 39.81 -6.11
N VAL A 107 -25.66 39.14 -7.03
CA VAL A 107 -26.21 38.96 -8.37
C VAL A 107 -27.49 38.14 -8.32
N PHE A 108 -27.50 37.06 -7.52
CA PHE A 108 -28.70 36.24 -7.41
C PHE A 108 -29.85 37.02 -6.78
N SER A 109 -29.55 37.89 -5.82
CA SER A 109 -30.59 38.70 -5.19
C SER A 109 -31.11 39.78 -6.12
N LEU A 110 -30.28 40.23 -7.07
CA LEU A 110 -30.78 41.15 -8.08
C LEU A 110 -31.62 40.42 -9.15
N ALA A 111 -31.27 39.16 -9.44
CA ALA A 111 -31.98 38.44 -10.49
C ALA A 111 -33.46 38.25 -10.16
N MET A 112 -33.76 37.91 -8.91
CA MET A 112 -35.14 37.86 -8.44
C MET A 112 -35.46 39.15 -7.69
N LYS A 113 -36.75 39.50 -7.66
CA LYS A 113 -37.16 40.69 -6.94
C LYS A 113 -36.88 40.55 -5.46
N GLY A 114 -35.92 41.31 -4.95
CA GLY A 114 -35.53 41.23 -3.55
C GLY A 114 -34.85 42.50 -3.11
N ASP A 115 -34.71 42.64 -1.80
CA ASP A 115 -34.09 43.83 -1.21
C ASP A 115 -32.59 43.78 -1.42
N MET A 116 -32.03 44.82 -2.04
CA MET A 116 -30.60 44.84 -2.36
C MET A 116 -29.76 45.52 -1.29
N ASN A 117 -30.30 46.55 -0.62
CA ASN A 117 -29.60 47.14 0.50
C ASN A 117 -29.33 46.11 1.58
N LEU A 118 -30.34 45.31 1.90
CA LEU A 118 -30.15 44.24 2.89
C LEU A 118 -29.15 43.21 2.39
N SER A 119 -29.09 42.96 1.08
CA SER A 119 -28.12 42.00 0.56
C SER A 119 -26.70 42.49 0.77
N ILE A 120 -26.43 43.75 0.44
CA ILE A 120 -25.07 44.26 0.65
C ILE A 120 -24.75 44.36 2.14
N VAL A 121 -25.74 44.68 2.98
CA VAL A 121 -25.52 44.70 4.42
C VAL A 121 -25.13 43.30 4.90
N MET A 122 -25.86 42.29 4.44
CA MET A 122 -25.54 40.92 4.80
C MET A 122 -24.12 40.55 4.40
N THR A 123 -23.76 40.86 3.15
CA THR A 123 -22.43 40.47 2.65
C THR A 123 -21.33 41.15 3.45
N THR A 124 -21.45 42.46 3.67
CA THR A 124 -20.41 43.19 4.40
C THR A 124 -20.31 42.69 5.83
N CYS A 125 -21.45 42.51 6.51
CA CYS A 125 -21.42 42.08 7.91
C CYS A 125 -20.85 40.68 8.03
N SER A 126 -21.23 39.76 7.14
CA SER A 126 -20.71 38.40 7.20
C SER A 126 -19.21 38.37 6.94
N THR A 127 -18.75 39.13 5.93
CA THR A 127 -17.33 39.15 5.62
C THR A 127 -16.52 39.75 6.77
N PHE A 128 -17.08 40.75 7.46
CA PHE A 128 -16.34 41.34 8.58
C PHE A 128 -16.36 40.41 9.80
N CYS A 129 -17.47 39.73 10.04
CA CYS A 129 -17.56 38.83 11.19
C CYS A 129 -16.77 37.54 10.97
N ALA A 130 -16.48 37.19 9.72
CA ALA A 130 -15.71 35.97 9.45
C ALA A 130 -14.35 36.03 10.12
N LEU A 131 -13.70 37.19 10.12
CA LEU A 131 -12.35 37.32 10.66
C LEU A 131 -12.27 36.84 12.11
N GLY A 132 -13.36 36.96 12.87
CA GLY A 132 -13.35 36.52 14.24
C GLY A 132 -14.16 35.27 14.51
N MET A 133 -15.00 34.87 13.56
CA MET A 133 -15.85 33.71 13.77
C MET A 133 -15.35 32.44 13.09
N MET A 134 -14.50 32.58 12.07
CA MET A 134 -14.15 31.46 11.20
C MET A 134 -13.07 30.60 11.87
N PRO A 135 -12.00 31.18 12.43
CA PRO A 135 -11.03 30.34 13.16
C PRO A 135 -11.63 29.58 14.34
N LEU A 136 -12.58 30.17 15.06
CA LEU A 136 -13.20 29.49 16.19
C LEU A 136 -13.98 28.28 15.72
N LEU A 137 -14.76 28.43 14.65
CA LEU A 137 -15.51 27.31 14.10
C LEU A 137 -14.58 26.22 13.58
N LEU A 138 -13.49 26.62 12.91
CA LEU A 138 -12.52 25.64 12.43
C LEU A 138 -11.91 24.86 13.59
N TYR A 139 -11.52 25.56 14.65
CA TYR A 139 -10.94 24.89 15.82
C TYR A 139 -11.95 23.94 16.45
N ILE A 140 -13.21 24.36 16.55
CA ILE A 140 -14.23 23.52 17.17
C ILE A 140 -14.46 22.25 16.36
N TYR A 141 -14.55 22.38 15.03
CA TYR A 141 -15.03 21.28 14.20
C TYR A 141 -13.94 20.40 13.62
N SER A 142 -12.73 20.90 13.42
CA SER A 142 -11.69 20.12 12.76
C SER A 142 -11.08 19.04 13.65
N ARG A 143 -11.42 19.02 14.93
CA ARG A 143 -10.86 18.04 15.85
C ARG A 143 -11.27 16.63 15.45
N GLY A 144 -10.30 15.84 15.01
CA GLY A 144 -10.53 14.46 14.59
C GLY A 144 -10.34 14.21 13.12
N ILE A 145 -10.19 15.24 12.29
CA ILE A 145 -10.02 15.05 10.85
C ILE A 145 -8.80 15.83 10.37
N TYR A 146 -8.18 16.60 11.25
CA TYR A 146 -6.98 17.34 10.91
C TYR A 146 -6.01 17.33 12.09
N ASP A 147 -4.74 17.05 11.80
CA ASP A 147 -3.68 17.08 12.80
C ASP A 147 -2.89 18.37 12.63
N GLY A 148 -3.04 19.29 13.56
CA GLY A 148 -2.38 20.56 13.49
C GLY A 148 -3.34 21.70 13.74
N ASP A 149 -2.92 22.89 13.37
CA ASP A 149 -3.60 24.12 13.72
C ASP A 149 -3.98 24.85 12.43
N LEU A 150 -5.28 24.96 12.16
CA LEU A 150 -5.76 25.69 11.01
C LEU A 150 -6.01 27.16 11.30
N LYS A 151 -5.92 27.55 12.56
CA LYS A 151 -6.11 28.97 13.00
C LYS A 151 -5.32 29.98 12.19
N ASP A 152 -4.01 29.81 11.96
CA ASP A 152 -3.30 30.90 11.30
C ASP A 152 -3.15 30.68 9.80
N LYS A 153 -3.82 29.67 9.25
CA LYS A 153 -3.94 29.50 7.80
C LYS A 153 -5.09 30.29 7.20
N VAL A 154 -5.89 30.97 8.04
CA VAL A 154 -7.01 31.78 7.57
C VAL A 154 -6.45 33.06 6.95
N PRO A 155 -6.78 33.35 5.69
CA PRO A 155 -6.24 34.56 5.01
C PRO A 155 -6.93 35.85 5.44
N TYR A 156 -6.48 36.40 6.57
CA TYR A 156 -7.06 37.64 7.08
C TYR A 156 -6.85 38.81 6.12
N LYS A 157 -5.63 38.91 5.57
CA LYS A 157 -5.34 39.98 4.63
C LYS A 157 -6.21 39.87 3.38
N GLY A 158 -6.37 38.65 2.87
CA GLY A 158 -7.24 38.46 1.71
C GLY A 158 -8.69 38.81 2.00
N ILE A 159 -9.17 38.47 3.19
CA ILE A 159 -10.54 38.81 3.57
C ILE A 159 -10.71 40.32 3.62
N VAL A 160 -9.75 41.03 4.22
CA VAL A 160 -9.84 42.48 4.31
C VAL A 160 -9.80 43.11 2.91
N ILE A 161 -8.92 42.59 2.05
CA ILE A 161 -8.81 43.13 0.69
C ILE A 161 -10.12 42.91 -0.08
N SER A 162 -10.71 41.73 0.06
CA SER A 162 -11.98 41.46 -0.60
C SER A 162 -13.08 42.39 -0.07
N LEU A 163 -13.11 42.61 1.24
CA LEU A 163 -14.10 43.53 1.81
C LEU A 163 -13.93 44.93 1.25
N VAL A 164 -12.70 45.42 1.16
CA VAL A 164 -12.45 46.75 0.63
C VAL A 164 -12.86 46.84 -0.85
N LEU A 165 -12.49 45.82 -1.63
CA LEU A 165 -12.78 45.83 -3.06
C LEU A 165 -14.26 45.63 -3.35
N VAL A 166 -15.03 45.14 -2.40
CA VAL A 166 -16.49 45.14 -2.53
C VAL A 166 -17.08 46.46 -2.07
N LEU A 167 -16.52 47.06 -1.03
CA LEU A 167 -17.12 48.27 -0.47
C LEU A 167 -16.91 49.49 -1.37
N ILE A 168 -15.75 49.60 -2.01
CA ILE A 168 -15.45 50.79 -2.82
C ILE A 168 -16.44 50.98 -3.98
N PRO A 169 -16.70 49.98 -4.83
CA PRO A 169 -17.65 50.20 -5.93
C PRO A 169 -19.05 50.55 -5.46
N CYS A 170 -19.49 50.04 -4.31
CA CYS A 170 -20.76 50.46 -3.74
C CYS A 170 -20.81 51.97 -3.58
N THR A 171 -19.81 52.54 -2.91
CA THR A 171 -19.81 53.97 -2.66
C THR A 171 -19.72 54.75 -3.97
N ILE A 172 -18.89 54.28 -4.90
CA ILE A 172 -18.76 54.99 -6.17
C ILE A 172 -20.09 55.03 -6.92
N GLY A 173 -20.75 53.87 -7.00
CA GLY A 173 -22.02 53.81 -7.73
C GLY A 173 -23.13 54.61 -7.04
N ILE A 174 -23.20 54.54 -5.71
CA ILE A 174 -24.24 55.27 -5.00
C ILE A 174 -24.01 56.78 -5.12
N VAL A 175 -22.75 57.22 -5.05
CA VAL A 175 -22.44 58.63 -5.24
C VAL A 175 -22.82 59.06 -6.65
N LEU A 176 -22.50 58.23 -7.65
CA LEU A 176 -22.84 58.57 -9.03
C LEU A 176 -24.35 58.71 -9.22
N LYS A 177 -25.13 57.80 -8.61
CA LYS A 177 -26.58 57.93 -8.71
C LYS A 177 -27.07 59.18 -8.00
N SER A 178 -26.57 59.45 -6.79
CA SER A 178 -27.14 60.52 -5.98
C SER A 178 -26.80 61.90 -6.54
N LYS A 179 -25.58 62.08 -7.02
CA LYS A 179 -25.11 63.40 -7.43
C LYS A 179 -25.28 63.67 -8.91
N ARG A 180 -24.82 62.77 -9.77
CA ARG A 180 -24.81 62.98 -11.22
C ARG A 180 -25.50 61.82 -11.91
N PRO A 181 -26.83 61.84 -11.98
CA PRO A 181 -27.55 60.79 -12.74
C PRO A 181 -27.34 60.85 -14.23
N GLN A 182 -26.76 61.93 -14.77
CA GLN A 182 -26.61 62.07 -16.20
C GLN A 182 -25.68 61.01 -16.79
N TYR A 183 -24.57 60.73 -16.11
CA TYR A 183 -23.56 59.84 -16.63
C TYR A 183 -23.86 58.37 -16.43
N MET A 184 -24.96 58.02 -15.78
CA MET A 184 -24.97 56.69 -15.20
C MET A 184 -25.54 55.68 -16.20
N ARG A 185 -26.24 56.15 -17.24
CA ARG A 185 -26.49 55.29 -18.40
C ARG A 185 -25.19 54.90 -19.09
N TYR A 186 -24.29 55.87 -19.28
CA TYR A 186 -22.99 55.57 -19.86
C TYR A 186 -22.22 54.58 -18.99
N VAL A 187 -22.25 54.80 -17.68
CA VAL A 187 -21.53 53.92 -16.76
C VAL A 187 -22.10 52.50 -16.83
N ILE A 188 -23.44 52.39 -16.87
CA ILE A 188 -24.07 51.07 -16.93
C ILE A 188 -23.72 50.35 -18.22
N LYS A 189 -23.77 51.05 -19.36
CA LYS A 189 -23.44 50.41 -20.63
C LYS A 189 -21.97 49.99 -20.67
N GLY A 190 -21.07 50.83 -20.15
CA GLY A 190 -19.66 50.47 -20.11
C GLY A 190 -19.40 49.28 -19.23
N GLY A 191 -20.04 49.23 -18.06
CA GLY A 191 -19.92 48.06 -17.20
C GLY A 191 -20.45 46.80 -17.86
N MET A 192 -21.60 46.91 -18.53
CA MET A 192 -22.19 45.75 -19.16
C MET A 192 -21.33 45.22 -20.31
N ILE A 193 -20.61 46.10 -21.02
CA ILE A 193 -19.73 45.60 -22.07
C ILE A 193 -18.43 45.04 -21.48
N ILE A 194 -17.92 45.67 -20.42
CA ILE A 194 -16.66 45.22 -19.83
C ILE A 194 -16.84 43.85 -19.16
N ILE A 195 -17.99 43.63 -18.53
CA ILE A 195 -18.24 42.34 -17.87
C ILE A 195 -18.25 41.22 -18.90
N LEU A 196 -18.90 41.44 -20.05
CA LEU A 196 -18.91 40.43 -21.11
C LEU A 196 -17.49 40.18 -21.65
N LEU A 197 -16.75 41.27 -21.91
CA LEU A 197 -15.40 41.14 -22.45
C LEU A 197 -14.49 40.39 -21.48
N CYS A 198 -14.70 40.55 -20.17
CA CYS A 198 -13.90 39.83 -19.19
C CYS A 198 -14.35 38.39 -19.01
N SER A 199 -15.67 38.14 -19.06
CA SER A 199 -16.18 36.80 -18.84
C SER A 199 -15.71 35.85 -19.92
N VAL A 200 -15.71 36.30 -21.18
CA VAL A 200 -15.27 35.39 -22.25
C VAL A 200 -13.80 35.02 -22.06
N ALA A 201 -12.96 36.00 -21.71
CA ALA A 201 -11.54 35.72 -21.52
C ALA A 201 -11.30 34.79 -20.34
N VAL A 202 -12.02 35.00 -19.23
CA VAL A 202 -11.85 34.14 -18.07
C VAL A 202 -12.29 32.71 -18.40
N THR A 203 -13.40 32.57 -19.13
CA THR A 203 -13.85 31.25 -19.53
C THR A 203 -12.81 30.56 -20.41
N VAL A 204 -12.20 31.30 -21.35
CA VAL A 204 -11.20 30.71 -22.22
C VAL A 204 -9.99 30.24 -21.40
N LEU A 205 -9.54 31.08 -20.47
CA LEU A 205 -8.37 30.71 -19.66
C LEU A 205 -8.67 29.50 -18.79
N SER A 206 -9.85 29.47 -18.16
CA SER A 206 -10.21 28.34 -17.31
C SER A 206 -10.34 27.06 -18.12
N ALA A 207 -10.92 27.14 -19.32
CA ALA A 207 -11.04 25.97 -20.18
C ALA A 207 -9.66 25.47 -20.61
N ILE A 208 -8.76 26.40 -20.94
CA ILE A 208 -7.40 26.00 -21.33
C ILE A 208 -6.71 25.28 -20.17
N ASN A 209 -6.83 25.82 -18.96
CA ASN A 209 -6.20 25.20 -17.80
C ASN A 209 -6.79 23.82 -17.54
N VAL A 210 -8.11 23.70 -17.60
CA VAL A 210 -8.77 22.41 -17.33
C VAL A 210 -8.36 21.37 -18.36
N GLY A 211 -8.31 21.76 -19.64
CA GLY A 211 -7.90 20.83 -20.67
C GLY A 211 -6.45 20.41 -20.55
N LYS A 212 -5.54 21.37 -20.30
CA LYS A 212 -4.06 21.08 -20.21
C LYS A 212 -3.66 20.41 -18.89
N SER A 213 -4.52 20.44 -17.87
CA SER A 213 -4.17 19.77 -16.63
C SER A 213 -4.65 18.32 -16.64
N ILE A 214 -4.06 17.52 -15.75
CA ILE A 214 -4.45 16.12 -15.62
C ILE A 214 -5.82 16.03 -14.98
N MET A 215 -6.66 15.12 -15.49
CA MET A 215 -8.00 14.90 -14.94
C MET A 215 -7.87 14.07 -13.67
N PHE A 216 -7.69 14.76 -12.54
CA PHE A 216 -7.58 14.09 -11.26
C PHE A 216 -8.92 13.47 -10.87
N ALA A 217 -8.87 12.23 -10.38
CA ALA A 217 -10.07 11.52 -9.99
C ALA A 217 -10.70 12.14 -8.75
N MET A 218 -12.03 12.07 -8.67
CA MET A 218 -12.79 12.53 -7.52
C MET A 218 -13.76 11.46 -7.08
N THR A 219 -13.92 11.32 -5.77
CA THR A 219 -14.86 10.35 -5.22
C THR A 219 -16.30 10.78 -5.53
N PRO A 220 -17.15 9.87 -5.99
CA PRO A 220 -18.54 10.25 -6.31
C PRO A 220 -19.31 10.83 -5.12
N LEU A 221 -19.00 10.40 -3.90
CA LEU A 221 -19.66 10.95 -2.73
C LEU A 221 -19.38 12.44 -2.57
N LEU A 222 -18.19 12.89 -2.97
CA LEU A 222 -17.87 14.32 -2.94
C LEU A 222 -18.79 15.11 -3.87
N ILE A 223 -19.05 14.58 -5.05
CA ILE A 223 -19.96 15.25 -5.98
C ILE A 223 -21.36 15.29 -5.40
N ALA A 224 -21.82 14.19 -4.81
CA ALA A 224 -23.14 14.19 -4.20
C ALA A 224 -23.25 15.22 -3.08
N THR A 225 -22.21 15.30 -2.23
CA THR A 225 -22.23 16.28 -1.15
C THR A 225 -22.23 17.71 -1.68
N SER A 226 -21.38 17.99 -2.67
CA SER A 226 -21.29 19.35 -3.21
C SER A 226 -22.58 19.74 -3.94
N SER A 227 -23.31 18.76 -4.47
CA SER A 227 -24.61 19.07 -5.06
C SER A 227 -25.68 19.29 -4.00
N LEU A 228 -25.68 18.50 -2.93
CA LEU A 228 -26.69 18.64 -1.89
C LEU A 228 -26.49 19.90 -1.05
N MET A 229 -25.27 20.41 -1.01
CA MET A 229 -24.87 21.36 0.02
C MET A 229 -25.53 22.73 -0.20
N PRO A 230 -25.45 23.35 -1.38
CA PRO A 230 -26.12 24.66 -1.57
C PRO A 230 -27.64 24.58 -1.57
N PHE A 231 -28.24 23.50 -2.04
CA PHE A 231 -29.69 23.37 -1.98
C PHE A 231 -30.16 23.34 -0.54
N ILE A 232 -29.43 22.63 0.33
CA ILE A 232 -29.71 22.66 1.75
C ILE A 232 -29.60 24.08 2.28
N GLY A 233 -28.56 24.81 1.85
CA GLY A 233 -28.43 26.20 2.28
C GLY A 233 -29.63 27.05 1.90
N PHE A 234 -30.08 26.94 0.65
CA PHE A 234 -31.22 27.72 0.17
C PHE A 234 -32.49 27.38 0.95
N LEU A 235 -32.77 26.09 1.11
CA LEU A 235 -33.98 25.68 1.82
C LEU A 235 -33.94 26.12 3.27
N LEU A 236 -32.78 25.99 3.92
CA LEU A 236 -32.64 26.43 5.31
C LEU A 236 -32.90 27.92 5.43
N GLY A 237 -32.31 28.72 4.54
CA GLY A 237 -32.51 30.15 4.59
C GLY A 237 -33.97 30.53 4.44
N TYR A 238 -34.64 29.93 3.45
CA TYR A 238 -36.04 30.28 3.21
C TYR A 238 -36.93 29.85 4.39
N VAL A 239 -36.71 28.65 4.93
CA VAL A 239 -37.54 28.21 6.04
C VAL A 239 -37.31 29.07 7.28
N LEU A 240 -36.05 29.38 7.58
CA LEU A 240 -35.75 30.23 8.73
C LEU A 240 -36.37 31.62 8.57
N SER A 241 -36.31 32.17 7.37
CA SER A 241 -36.93 33.47 7.14
C SER A 241 -38.45 33.39 7.20
N ALA A 242 -39.02 32.24 6.86
CA ALA A 242 -40.47 32.08 6.94
C ALA A 242 -40.95 31.92 8.38
N LEU A 243 -40.12 31.36 9.26
CA LEU A 243 -40.52 31.17 10.65
C LEU A 243 -40.81 32.51 11.32
N PHE A 244 -39.95 33.50 11.09
CA PHE A 244 -40.15 34.85 11.61
C PHE A 244 -40.79 35.70 10.51
N CYS A 245 -41.96 36.25 10.79
CA CYS A 245 -42.76 36.92 9.78
C CYS A 245 -41.96 37.99 9.04
N LEU A 246 -41.73 37.78 7.75
CA LEU A 246 -40.95 38.69 6.92
C LEU A 246 -41.60 38.78 5.55
N ASN A 247 -41.26 39.85 4.83
CA ASN A 247 -41.78 40.03 3.48
C ASN A 247 -41.06 39.09 2.51
N GLY A 248 -41.63 38.98 1.30
CA GLY A 248 -41.09 38.06 0.32
C GLY A 248 -39.68 38.43 -0.14
N ARG A 249 -39.45 39.73 -0.34
CA ARG A 249 -38.14 40.17 -0.81
C ARG A 249 -37.04 39.84 0.19
N CYS A 250 -37.30 40.07 1.47
CA CYS A 250 -36.32 39.74 2.50
C CYS A 250 -36.06 38.24 2.56
N ARG A 251 -37.12 37.44 2.44
CA ARG A 251 -36.96 35.99 2.44
C ARG A 251 -36.08 35.54 1.27
N ARG A 252 -36.35 36.07 0.08
CA ARG A 252 -35.57 35.67 -1.09
C ARG A 252 -34.11 36.09 -0.97
N THR A 253 -33.86 37.32 -0.50
CA THR A 253 -32.48 37.79 -0.41
C THR A 253 -31.70 37.00 0.65
N VAL A 254 -32.34 36.70 1.80
CA VAL A 254 -31.63 35.92 2.80
C VAL A 254 -31.42 34.48 2.32
N SER A 255 -32.36 33.94 1.53
CA SER A 255 -32.15 32.61 0.97
C SER A 255 -30.96 32.58 0.02
N MET A 256 -30.85 33.58 -0.86
CA MET A 256 -29.72 33.61 -1.78
C MET A 256 -28.41 33.82 -1.07
N GLU A 257 -28.39 34.62 0.01
CA GLU A 257 -27.15 34.75 0.77
C GLU A 257 -26.81 33.51 1.58
N THR A 258 -27.81 32.76 2.03
CA THR A 258 -27.57 31.53 2.76
C THR A 258 -27.13 30.39 1.87
N GLY A 259 -27.47 30.44 0.58
CA GLY A 259 -27.05 29.38 -0.32
C GLY A 259 -25.74 29.62 -1.05
N CYS A 260 -25.28 30.87 -1.09
CA CYS A 260 -24.06 31.23 -1.79
C CYS A 260 -22.90 31.32 -0.81
N GLN A 261 -21.77 30.69 -1.17
CA GLN A 261 -20.61 30.64 -0.30
C GLN A 261 -19.38 31.03 -1.12
N ASN A 262 -18.38 31.58 -0.43
CA ASN A 262 -17.14 31.99 -1.08
C ASN A 262 -16.19 30.79 -1.16
N VAL A 263 -15.80 30.43 -2.37
CA VAL A 263 -14.97 29.24 -2.57
C VAL A 263 -13.49 29.57 -2.71
N GLN A 264 -13.14 30.83 -3.00
CA GLN A 264 -11.73 31.19 -3.10
C GLN A 264 -11.02 31.09 -1.76
N LEU A 265 -11.72 31.44 -0.67
CA LEU A 265 -11.13 31.28 0.66
C LEU A 265 -10.85 29.81 0.96
N CYS A 266 -11.79 28.93 0.65
CA CYS A 266 -11.57 27.50 0.85
C CYS A 266 -10.42 27.00 0.00
N SER A 267 -10.34 27.45 -1.26
CA SER A 267 -9.25 27.03 -2.12
C SER A 267 -7.91 27.49 -1.57
N THR A 268 -7.82 28.73 -1.09
CA THR A 268 -6.58 29.23 -0.52
C THR A 268 -6.17 28.43 0.71
N ILE A 269 -7.13 28.16 1.61
CA ILE A 269 -6.82 27.40 2.82
C ILE A 269 -6.36 26.00 2.45
N LEU A 270 -7.05 25.35 1.50
CA LEU A 270 -6.68 24.01 1.10
C LEU A 270 -5.29 23.97 0.47
N ASN A 271 -4.98 24.95 -0.38
CA ASN A 271 -3.68 24.97 -1.04
C ASN A 271 -2.55 25.38 -0.12
N VAL A 272 -2.86 26.05 1.00
CA VAL A 272 -1.81 26.46 1.92
C VAL A 272 -1.61 25.46 3.06
N ALA A 273 -2.62 24.64 3.35
CA ALA A 273 -2.58 23.70 4.46
C ALA A 273 -2.17 22.28 4.06
N PHE A 274 -2.04 21.99 2.77
CA PHE A 274 -1.69 20.65 2.34
C PHE A 274 -0.59 20.70 1.29
N PRO A 275 0.29 19.69 1.26
CA PRO A 275 1.30 19.61 0.19
C PRO A 275 0.66 19.30 -1.15
N PRO A 276 1.34 19.61 -2.26
CA PRO A 276 0.75 19.33 -3.58
C PRO A 276 0.43 17.86 -3.82
N GLU A 277 1.21 16.94 -3.24
CA GLU A 277 0.98 15.53 -3.44
C GLU A 277 -0.20 14.99 -2.62
N VAL A 278 -0.75 15.78 -1.70
CA VAL A 278 -1.90 15.36 -0.91
C VAL A 278 -3.20 16.00 -1.41
N ILE A 279 -3.11 17.06 -2.21
CA ILE A 279 -4.27 17.82 -2.67
C ILE A 279 -4.87 17.23 -3.95
N GLY A 280 -4.29 16.15 -4.46
CA GLY A 280 -4.77 15.50 -5.66
C GLY A 280 -6.28 15.30 -5.76
N PRO A 281 -6.87 14.63 -4.77
CA PRO A 281 -8.33 14.40 -4.81
C PRO A 281 -9.17 15.67 -4.76
N LEU A 282 -8.64 16.77 -4.24
CA LEU A 282 -9.39 18.02 -4.10
C LEU A 282 -8.98 19.07 -5.12
N PHE A 283 -8.44 18.66 -6.27
CA PHE A 283 -7.97 19.63 -7.25
C PHE A 283 -9.12 20.37 -7.91
N PHE A 284 -10.16 19.63 -8.31
CA PHE A 284 -11.30 20.22 -9.02
C PHE A 284 -12.47 20.53 -8.09
N PHE A 285 -12.31 20.34 -6.79
CA PHE A 285 -13.42 20.61 -5.86
C PHE A 285 -13.86 22.06 -5.85
N PRO A 286 -12.98 23.06 -5.73
CA PRO A 286 -13.47 24.45 -5.76
C PRO A 286 -14.16 24.81 -7.07
N LEU A 287 -13.67 24.29 -8.20
CA LEU A 287 -14.32 24.57 -9.48
C LEU A 287 -15.69 23.90 -9.55
N LEU A 288 -15.79 22.67 -9.04
CA LEU A 288 -17.07 21.95 -9.10
C LEU A 288 -18.11 22.59 -8.18
N TYR A 289 -17.68 23.05 -7.00
CA TYR A 289 -18.63 23.65 -6.06
C TYR A 289 -19.24 24.93 -6.64
N MET A 290 -18.42 25.71 -7.34
CA MET A 290 -18.93 26.94 -7.95
C MET A 290 -20.00 26.65 -8.99
N ILE A 291 -19.80 25.60 -9.80
CA ILE A 291 -20.76 25.26 -10.84
C ILE A 291 -22.10 24.85 -10.25
N PHE A 292 -22.06 24.05 -9.17
CA PHE A 292 -23.30 23.52 -8.61
C PHE A 292 -24.19 24.63 -8.06
N GLN A 293 -23.62 25.59 -7.33
CA GLN A 293 -24.44 26.67 -6.79
C GLN A 293 -24.87 27.65 -7.86
N LEU A 294 -24.08 27.78 -8.93
CA LEU A 294 -24.52 28.59 -10.07
C LEU A 294 -25.66 27.91 -10.82
N GLY A 295 -25.55 26.60 -11.06
CA GLY A 295 -26.61 25.89 -11.73
C GLY A 295 -27.89 25.80 -10.91
N GLU A 296 -27.75 25.53 -9.61
CA GLU A 296 -28.92 25.44 -8.75
C GLU A 296 -29.50 26.83 -8.45
N GLY A 297 -28.66 27.85 -8.40
CA GLY A 297 -29.17 29.20 -8.21
C GLY A 297 -30.00 29.68 -9.39
N LEU A 298 -29.55 29.38 -10.61
CA LEU A 298 -30.30 29.79 -11.79
C LEU A 298 -31.59 29.01 -11.94
N LEU A 299 -31.61 27.74 -11.50
CA LEU A 299 -32.83 26.95 -11.58
C LEU A 299 -33.93 27.54 -10.70
N LEU A 300 -33.58 27.96 -9.49
CA LEU A 300 -34.57 28.57 -8.60
C LEU A 300 -35.04 29.92 -9.12
N ILE A 301 -34.16 30.65 -9.82
CA ILE A 301 -34.56 31.91 -10.43
C ILE A 301 -35.61 31.67 -11.49
N ALA A 302 -35.43 30.64 -12.33
CA ALA A 302 -36.42 30.31 -13.34
C ALA A 302 -37.74 29.87 -12.71
N ILE A 303 -37.67 29.09 -11.63
CA ILE A 303 -38.89 28.63 -10.98
C ILE A 303 -39.70 29.80 -10.44
N PHE A 304 -39.02 30.76 -9.79
CA PHE A 304 -39.73 31.91 -9.26
C PHE A 304 -40.35 32.76 -10.36
N TRP A 305 -39.59 33.00 -11.44
CA TRP A 305 -40.11 33.81 -12.53
C TRP A 305 -41.29 33.13 -13.23
N CYS A 306 -41.22 31.81 -13.40
CA CYS A 306 -42.31 31.09 -14.04
C CYS A 306 -43.57 31.13 -13.18
N TYR A 307 -43.40 31.07 -11.86
CA TYR A 307 -44.54 31.17 -10.95
C TYR A 307 -45.22 32.53 -11.08
N GLU A 308 -44.43 33.60 -11.15
CA GLU A 308 -45.00 34.95 -11.14
C GLU A 308 -45.85 35.20 -12.38
N LYS A 309 -45.36 34.80 -13.55
CA LYS A 309 -46.10 35.06 -14.78
C LYS A 309 -47.31 34.14 -14.93
N PHE A 310 -47.15 32.86 -14.60
CA PHE A 310 -48.16 31.85 -14.84
C PHE A 310 -48.86 31.38 -13.58
N LYS A 311 -49.01 32.26 -12.58
CA LYS A 311 -49.70 31.88 -11.36
C LYS A 311 -51.21 31.75 -11.59
N VAL B 5 22.65 14.16 -1.85
CA VAL B 5 21.52 13.95 -0.94
C VAL B 5 21.69 12.63 -0.19
N GLN B 6 21.73 12.72 1.15
CA GLN B 6 21.86 11.56 2.00
C GLN B 6 20.85 11.62 3.13
N LEU B 7 20.42 10.45 3.59
CA LEU B 7 19.56 10.31 4.75
C LEU B 7 20.23 9.35 5.73
N VAL B 8 20.58 9.84 6.91
CA VAL B 8 21.22 9.05 7.94
C VAL B 8 20.31 8.97 9.15
N GLU B 9 20.05 7.75 9.61
CA GLU B 9 19.12 7.53 10.76
C GLU B 9 19.89 6.95 11.95
N SER B 10 19.43 7.22 13.16
CA SER B 10 20.05 6.75 14.39
C SER B 10 18.96 6.65 15.46
N GLY B 11 19.37 6.23 16.66
CA GLY B 11 18.47 6.12 17.79
C GLY B 11 17.82 4.76 17.96
N GLY B 12 18.11 3.80 17.10
CA GLY B 12 17.56 2.47 17.26
C GLY B 12 18.23 1.69 18.37
N GLY B 13 17.45 0.81 19.01
CA GLY B 13 17.98 0.04 20.11
C GLY B 13 16.91 -0.85 20.69
N LEU B 14 17.13 -1.28 21.93
CA LEU B 14 16.26 -2.24 22.59
C LEU B 14 15.48 -1.49 23.67
N VAL B 15 14.16 -1.64 23.66
CA VAL B 15 13.31 -0.98 24.65
C VAL B 15 12.36 -2.00 25.24
N GLN B 16 11.93 -1.73 26.48
CA GLN B 16 10.94 -2.56 27.14
C GLN B 16 9.55 -2.27 26.57
N PRO B 17 8.65 -3.25 26.61
CA PRO B 17 7.27 -2.99 26.18
C PRO B 17 6.64 -1.88 27.01
N GLY B 18 5.88 -1.01 26.35
CA GLY B 18 5.29 0.13 27.00
C GLY B 18 6.23 1.30 27.20
N GLY B 19 7.46 1.21 26.73
CA GLY B 19 8.45 2.26 26.90
C GLY B 19 8.37 3.31 25.81
N SER B 20 9.44 4.09 25.70
CA SER B 20 9.52 5.19 24.75
C SER B 20 10.86 5.17 24.03
N LEU B 21 10.85 5.67 22.79
CA LEU B 21 12.05 5.74 21.98
C LEU B 21 11.87 6.83 20.94
N ARG B 22 12.96 7.51 20.60
CA ARG B 22 12.94 8.58 19.62
C ARG B 22 13.97 8.28 18.53
N LEU B 23 13.54 8.41 17.28
CA LEU B 23 14.39 8.17 16.12
C LEU B 23 14.70 9.48 15.42
N SER B 24 15.91 9.57 14.85
CA SER B 24 16.37 10.76 14.15
C SER B 24 16.66 10.43 12.70
N CYS B 25 16.66 11.48 11.87
CA CYS B 25 16.95 11.35 10.44
C CYS B 25 17.74 12.59 10.02
N ALA B 26 19.06 12.47 10.00
CA ALA B 26 19.93 13.59 9.64
C ALA B 26 20.02 13.68 8.14
N ALA B 27 19.41 14.70 7.56
CA ALA B 27 19.40 14.89 6.12
C ALA B 27 20.51 15.82 5.68
N SER B 28 21.06 15.54 4.50
CA SER B 28 22.10 16.37 3.91
C SER B 28 21.76 16.65 2.46
N GLY B 29 22.18 17.83 1.99
CA GLY B 29 21.99 18.22 0.61
C GLY B 29 20.65 18.87 0.31
N PHE B 30 19.76 18.97 1.28
CA PHE B 30 18.47 19.61 1.07
C PHE B 30 17.90 20.04 2.42
N ASN B 31 16.89 20.90 2.37
CA ASN B 31 16.27 21.44 3.57
C ASN B 31 15.05 20.61 3.94
N VAL B 32 15.05 20.07 5.16
CA VAL B 32 13.92 19.27 5.63
C VAL B 32 12.66 20.11 5.80
N SER B 33 12.81 21.42 6.02
CA SER B 33 11.64 22.27 6.25
C SER B 33 10.73 22.30 5.03
N TYR B 34 11.30 22.38 3.83
CA TYR B 34 10.52 22.49 2.60
C TYR B 34 10.28 21.15 1.93
N SER B 35 10.69 20.05 2.55
CA SER B 35 10.53 18.72 1.99
C SER B 35 9.54 17.90 2.81
N SER B 36 9.10 16.79 2.23
CA SER B 36 8.21 15.85 2.88
C SER B 36 9.01 14.60 3.25
N ILE B 37 8.98 14.25 4.53
CA ILE B 37 9.75 13.12 5.06
C ILE B 37 8.78 12.06 5.54
N HIS B 38 9.00 10.83 5.09
CA HIS B 38 8.15 9.69 5.44
C HIS B 38 8.96 8.65 6.19
N TRP B 39 8.29 7.95 7.10
CA TRP B 39 8.87 6.84 7.84
C TRP B 39 8.19 5.55 7.42
N VAL B 40 8.98 4.57 7.00
CA VAL B 40 8.48 3.29 6.52
C VAL B 40 9.05 2.19 7.39
N ARG B 41 8.19 1.24 7.75
CA ARG B 41 8.55 0.16 8.66
C ARG B 41 8.54 -1.17 7.92
N GLN B 42 9.50 -2.04 8.24
CA GLN B 42 9.57 -3.38 7.66
C GLN B 42 9.77 -4.38 8.79
N ALA B 43 8.70 -5.05 9.20
CA ALA B 43 8.81 -6.09 10.20
C ALA B 43 9.61 -7.27 9.65
N PRO B 44 10.41 -7.92 10.49
CA PRO B 44 11.25 -9.02 10.00
C PRO B 44 10.42 -10.15 9.40
N GLY B 45 10.70 -10.44 8.13
CA GLY B 45 9.97 -11.46 7.41
C GLY B 45 8.70 -11.00 6.72
N LYS B 46 8.38 -9.71 6.76
CA LYS B 46 7.18 -9.17 6.16
C LYS B 46 7.52 -8.04 5.20
N GLY B 47 6.48 -7.43 4.63
CA GLY B 47 6.64 -6.36 3.66
C GLY B 47 6.69 -4.98 4.30
N LEU B 48 6.68 -3.97 3.43
CA LEU B 48 6.81 -2.59 3.87
C LEU B 48 5.52 -2.09 4.53
N GLU B 49 5.67 -1.04 5.34
CA GLU B 49 4.65 -0.53 6.25
C GLU B 49 4.84 0.97 6.34
N TRP B 50 3.86 1.75 5.89
CA TRP B 50 3.95 3.20 6.05
C TRP B 50 3.53 3.59 7.45
N VAL B 51 4.24 4.55 8.04
CA VAL B 51 4.02 4.93 9.43
C VAL B 51 3.51 6.35 9.55
N ALA B 52 4.31 7.33 9.11
CA ALA B 52 3.97 8.73 9.33
C ALA B 52 4.70 9.60 8.32
N SER B 53 4.21 10.84 8.20
CA SER B 53 4.78 11.82 7.28
C SER B 53 4.73 13.20 7.90
N ILE B 54 5.67 14.06 7.50
CA ILE B 54 5.77 15.42 8.02
C ILE B 54 6.06 16.37 6.87
N SER B 55 5.38 17.51 6.87
CA SER B 55 5.62 18.61 5.94
C SER B 55 5.66 19.90 6.77
N SER B 56 6.87 20.34 7.13
CA SER B 56 7.01 21.45 8.06
C SER B 56 6.44 22.74 7.49
N SER B 57 6.67 23.02 6.21
CA SER B 57 6.23 24.28 5.62
C SER B 57 4.72 24.41 5.65
N TYR B 58 4.01 23.32 5.34
CA TYR B 58 2.56 23.33 5.33
C TYR B 58 1.94 23.02 6.69
N GLY B 59 2.75 22.66 7.67
CA GLY B 59 2.21 22.23 8.95
C GLY B 59 1.37 20.98 8.86
N TYR B 60 1.67 20.10 7.90
CA TYR B 60 0.89 18.91 7.64
C TYR B 60 1.55 17.70 8.30
N THR B 61 0.73 16.84 8.90
CA THR B 61 1.22 15.66 9.58
C THR B 61 0.17 14.56 9.47
N SER B 62 0.59 13.37 9.06
CA SER B 62 -0.30 12.23 8.89
C SER B 62 0.28 11.01 9.58
N TYR B 63 -0.60 10.14 10.05
CA TYR B 63 -0.22 8.91 10.72
C TYR B 63 -1.05 7.74 10.20
N ALA B 64 -0.48 6.54 10.28
CA ALA B 64 -1.23 5.34 9.96
C ALA B 64 -2.24 5.04 11.07
N ASP B 65 -3.21 4.19 10.74
CA ASP B 65 -4.25 3.86 11.70
C ASP B 65 -3.69 3.12 12.91
N SER B 66 -2.71 2.24 12.69
CA SER B 66 -2.18 1.43 13.79
C SER B 66 -1.43 2.29 14.80
N VAL B 67 -0.70 3.31 14.34
CA VAL B 67 0.16 4.09 15.22
C VAL B 67 -0.44 5.43 15.60
N LYS B 68 -1.66 5.74 15.16
CA LYS B 68 -2.28 7.01 15.49
C LYS B 68 -2.52 7.11 16.99
N GLY B 69 -2.12 8.25 17.57
CA GLY B 69 -2.29 8.49 18.98
C GLY B 69 -1.12 8.07 19.84
N ARG B 70 -0.25 7.20 19.34
CA ARG B 70 0.94 6.77 20.07
C ARG B 70 2.23 7.37 19.53
N PHE B 71 2.26 7.77 18.26
CA PHE B 71 3.46 8.27 17.62
C PHE B 71 3.32 9.77 17.38
N THR B 72 4.44 10.47 17.42
CA THR B 72 4.48 11.90 17.13
C THR B 72 5.72 12.19 16.30
N ILE B 73 5.51 12.82 15.15
CA ILE B 73 6.59 13.16 14.22
C ILE B 73 6.86 14.65 14.32
N SER B 74 8.13 15.02 14.18
CA SER B 74 8.55 16.40 14.30
C SER B 74 9.73 16.66 13.37
N ALA B 75 10.05 17.93 13.18
CA ALA B 75 11.19 18.31 12.36
C ALA B 75 11.79 19.59 12.94
N ASP B 76 13.12 19.66 12.91
CA ASP B 76 13.85 20.82 13.43
C ASP B 76 14.64 21.45 12.29
N THR B 77 14.30 22.69 11.96
CA THR B 77 14.98 23.38 10.86
C THR B 77 16.42 23.72 11.22
N SER B 78 16.69 23.99 12.49
CA SER B 78 18.04 24.41 12.89
C SER B 78 19.05 23.28 12.71
N LYS B 79 18.70 22.05 13.13
CA LYS B 79 19.60 20.92 12.96
C LYS B 79 19.34 20.15 11.68
N ASN B 80 18.34 20.54 10.88
CA ASN B 80 18.03 19.89 9.61
C ASN B 80 17.75 18.39 9.80
N THR B 81 16.95 18.07 10.81
CA THR B 81 16.65 16.69 11.15
C THR B 81 15.14 16.51 11.35
N ALA B 82 14.69 15.27 11.19
CA ALA B 82 13.31 14.89 11.42
C ALA B 82 13.26 13.81 12.50
N TYR B 83 12.32 13.94 13.42
CA TYR B 83 12.24 13.07 14.58
C TYR B 83 10.92 12.30 14.59
N LEU B 84 10.99 11.06 15.06
CA LEU B 84 9.81 10.24 15.31
C LEU B 84 9.86 9.77 16.75
N GLN B 85 8.81 10.08 17.51
CA GLN B 85 8.73 9.71 18.92
C GLN B 85 7.69 8.62 19.10
N MET B 86 8.10 7.53 19.71
CA MET B 86 7.18 6.39 19.88
C MET B 86 6.89 6.16 21.36
N ASN B 87 5.61 6.03 21.74
CA ASN B 87 5.14 5.91 23.10
C ASN B 87 4.25 4.69 23.25
N SER B 88 4.34 4.05 24.42
CA SER B 88 3.60 2.84 24.73
C SER B 88 3.82 1.77 23.66
N LEU B 89 5.10 1.51 23.38
CA LEU B 89 5.46 0.56 22.34
C LEU B 89 5.01 -0.84 22.71
N ARG B 90 4.54 -1.58 21.71
CA ARG B 90 4.11 -2.96 21.87
C ARG B 90 5.08 -3.89 21.16
N ALA B 91 4.84 -5.20 21.32
CA ALA B 91 5.71 -6.20 20.71
C ALA B 91 5.54 -6.25 19.20
N GLU B 92 4.47 -5.66 18.66
CA GLU B 92 4.24 -5.67 17.21
C GLU B 92 5.05 -4.60 16.49
N ASP B 93 5.73 -3.72 17.21
CA ASP B 93 6.42 -2.58 16.63
C ASP B 93 7.91 -2.86 16.36
N THR B 94 8.35 -4.08 16.59
CA THR B 94 9.75 -4.45 16.31
C THR B 94 9.95 -4.51 14.81
N ALA B 95 10.92 -3.77 14.29
CA ALA B 95 11.14 -3.75 12.86
C ALA B 95 12.35 -2.88 12.56
N VAL B 96 12.69 -2.80 11.28
CA VAL B 96 13.71 -1.88 10.77
C VAL B 96 12.99 -0.68 10.19
N TYR B 97 13.31 0.51 10.68
CA TYR B 97 12.63 1.73 10.30
C TYR B 97 13.46 2.49 9.28
N TYR B 98 12.82 2.92 8.19
CA TYR B 98 13.47 3.61 7.10
C TYR B 98 13.02 5.05 7.02
N CYS B 99 13.94 5.92 6.65
CA CYS B 99 13.65 7.33 6.40
C CYS B 99 13.62 7.58 4.90
N ALA B 100 12.52 8.15 4.42
CA ALA B 100 12.30 8.34 2.99
C ALA B 100 11.86 9.76 2.70
N ARG B 101 12.26 10.26 1.54
CA ARG B 101 11.90 11.60 1.09
C ARG B 101 11.06 11.50 -0.19
N TYR B 102 9.98 12.26 -0.24
CA TYR B 102 9.11 12.24 -1.40
C TYR B 102 9.79 12.91 -2.60
N MET B 103 9.27 12.63 -3.79
CA MET B 103 9.81 13.23 -5.00
C MET B 103 9.68 14.75 -4.94
N LYS B 104 10.67 15.43 -5.49
CA LYS B 104 10.66 16.89 -5.52
C LYS B 104 9.87 17.35 -6.74
N GLN B 105 8.81 18.12 -6.50
CA GLN B 105 7.99 18.64 -7.58
C GLN B 105 8.77 19.64 -8.41
N GLN B 106 8.72 19.48 -9.72
CA GLN B 106 9.48 20.36 -10.62
C GLN B 106 8.61 21.51 -11.12
N SER B 107 9.02 22.77 -10.90
CA SER B 107 8.26 23.95 -11.28
C SER B 107 8.29 24.18 -12.79
N GLN B 108 9.33 23.71 -13.47
CA GLN B 108 9.42 23.93 -14.91
C GLN B 108 8.31 23.19 -15.65
N MET B 109 7.81 22.09 -15.08
CA MET B 109 6.69 21.34 -15.64
C MET B 109 5.61 21.27 -14.56
N TRP B 110 4.70 22.24 -14.58
CA TRP B 110 3.70 22.39 -13.54
C TRP B 110 2.63 21.30 -13.56
N TYR B 111 2.59 20.47 -14.59
CA TYR B 111 1.47 19.57 -14.80
C TYR B 111 1.71 18.16 -14.28
N GLN B 112 2.90 17.60 -14.47
CA GLN B 112 3.20 16.30 -13.89
C GLN B 112 3.33 16.43 -12.37
N ARG B 113 3.10 15.31 -11.68
CA ARG B 113 3.04 15.33 -10.23
C ARG B 113 4.12 14.51 -9.52
N TYR B 114 4.83 13.63 -10.22
CA TYR B 114 6.02 12.97 -9.69
C TYR B 114 5.72 12.24 -8.38
N TRP B 115 4.89 11.19 -8.50
CA TRP B 115 4.51 10.39 -7.34
C TRP B 115 5.56 9.31 -7.08
N GLY B 116 6.19 9.36 -5.92
CA GLY B 116 7.16 8.33 -5.55
C GLY B 116 8.07 8.81 -4.44
N PHE B 117 9.01 7.92 -4.09
CA PHE B 117 10.04 8.20 -3.10
C PHE B 117 11.40 8.21 -3.77
N ASP B 118 12.15 9.30 -3.58
CA ASP B 118 13.46 9.42 -4.21
C ASP B 118 14.54 8.66 -3.43
N TYR B 119 14.80 9.09 -2.20
CA TYR B 119 15.95 8.61 -1.45
C TYR B 119 15.50 7.91 -0.18
N TRP B 120 16.24 6.87 0.20
CA TRP B 120 15.97 6.10 1.41
C TRP B 120 17.21 6.08 2.29
N GLY B 121 17.00 5.96 3.59
CA GLY B 121 18.09 5.79 4.51
C GLY B 121 18.53 4.34 4.60
N GLN B 122 19.68 4.14 5.25
CA GLN B 122 20.18 2.78 5.46
C GLN B 122 19.24 1.98 6.35
N GLY B 123 18.64 2.64 7.34
CA GLY B 123 17.67 1.99 8.20
C GLY B 123 18.24 1.65 9.56
N THR B 124 17.40 1.74 10.59
CA THR B 124 17.80 1.44 11.95
C THR B 124 16.84 0.41 12.54
N LEU B 125 17.39 -0.51 13.32
CA LEU B 125 16.63 -1.63 13.86
C LEU B 125 16.13 -1.31 15.26
N VAL B 126 14.83 -1.51 15.48
CA VAL B 126 14.20 -1.28 16.78
C VAL B 126 13.57 -2.59 17.21
N THR B 127 13.93 -3.06 18.40
CA THR B 127 13.39 -4.29 18.97
C THR B 127 12.71 -3.98 20.29
N VAL B 128 11.50 -4.49 20.46
CA VAL B 128 10.70 -4.26 21.66
C VAL B 128 10.49 -5.61 22.34
N SER B 129 11.25 -5.87 23.39
CA SER B 129 11.15 -7.13 24.10
C SER B 129 11.45 -6.91 25.58
N SER B 130 10.79 -7.71 26.43
CA SER B 130 10.99 -7.65 27.87
C SER B 130 12.04 -8.63 28.37
N ALA B 131 12.64 -9.41 27.47
CA ALA B 131 13.63 -10.40 27.87
C ALA B 131 14.97 -9.73 28.16
N SER B 132 15.90 -10.52 28.71
CA SER B 132 17.23 -10.05 29.04
C SER B 132 18.27 -10.90 28.32
N THR B 133 19.48 -10.35 28.22
CA THR B 133 20.56 -11.03 27.51
C THR B 133 20.95 -12.32 28.23
N LYS B 134 21.16 -13.37 27.45
CA LYS B 134 21.53 -14.67 27.99
C LYS B 134 22.31 -15.45 26.94
N GLY B 135 23.34 -16.16 27.40
CA GLY B 135 24.18 -16.95 26.53
C GLY B 135 23.46 -18.18 25.99
N PRO B 136 23.82 -18.60 24.79
CA PRO B 136 23.14 -19.74 24.17
C PRO B 136 23.56 -21.05 24.79
N SER B 137 22.68 -22.04 24.68
CA SER B 137 22.95 -23.41 25.10
C SER B 137 23.05 -24.29 23.86
N VAL B 138 24.13 -25.06 23.77
CA VAL B 138 24.45 -25.84 22.58
C VAL B 138 24.05 -27.30 22.81
N PHE B 139 23.32 -27.87 21.86
CA PHE B 139 22.93 -29.27 21.90
C PHE B 139 23.26 -29.89 20.55
N PRO B 140 24.01 -31.00 20.52
CA PRO B 140 24.38 -31.61 19.24
C PRO B 140 23.28 -32.46 18.66
N LEU B 141 23.25 -32.52 17.33
CA LEU B 141 22.32 -33.38 16.59
C LEU B 141 23.12 -34.56 16.05
N ALA B 142 23.22 -35.61 16.86
CA ALA B 142 23.99 -36.78 16.47
C ALA B 142 23.28 -37.50 15.32
N PRO B 143 24.01 -37.89 14.27
CA PRO B 143 23.36 -38.61 13.17
C PRO B 143 22.91 -39.99 13.60
N SER B 144 21.79 -40.45 13.03
CA SER B 144 21.25 -41.75 13.36
C SER B 144 22.04 -42.85 12.67
N SER B 145 21.95 -44.06 13.24
CA SER B 145 22.66 -45.19 12.67
C SER B 145 22.13 -45.58 11.30
N LYS B 146 20.86 -45.26 11.01
CA LYS B 146 20.25 -45.52 9.72
C LYS B 146 19.60 -44.21 9.25
N SER B 147 20.40 -43.37 8.58
CA SER B 147 19.93 -42.12 7.99
C SER B 147 20.44 -42.06 6.56
N THR B 148 19.68 -42.64 5.63
CA THR B 148 20.06 -42.71 4.22
C THR B 148 21.48 -43.26 4.06
N SER B 149 21.64 -44.52 4.46
CA SER B 149 22.95 -45.15 4.43
C SER B 149 23.52 -45.14 3.02
N GLY B 150 24.79 -44.76 2.91
CA GLY B 150 25.44 -44.64 1.62
C GLY B 150 26.52 -43.57 1.63
N GLY B 151 26.49 -42.69 0.64
CA GLY B 151 27.46 -41.62 0.54
C GLY B 151 27.06 -40.31 1.19
N THR B 152 25.93 -40.27 1.90
CA THR B 152 25.45 -39.03 2.51
C THR B 152 24.97 -39.30 3.93
N ALA B 153 25.52 -38.55 4.88
CA ALA B 153 25.04 -38.54 6.27
C ALA B 153 24.90 -37.10 6.73
N ALA B 154 23.93 -36.86 7.60
CA ALA B 154 23.59 -35.52 8.03
C ALA B 154 23.93 -35.35 9.51
N LEU B 155 24.74 -34.35 9.81
CA LEU B 155 25.06 -33.94 11.18
C LEU B 155 24.31 -32.65 11.50
N GLY B 156 24.53 -32.15 12.72
CA GLY B 156 23.85 -30.93 13.13
C GLY B 156 24.44 -30.35 14.39
N CYS B 157 23.98 -29.15 14.70
CA CYS B 157 24.40 -28.45 15.92
C CYS B 157 23.32 -27.45 16.27
N LEU B 158 22.63 -27.66 17.40
CA LEU B 158 21.50 -26.85 17.80
C LEU B 158 21.91 -25.95 18.95
N VAL B 159 21.72 -24.64 18.77
CA VAL B 159 21.91 -23.65 19.83
C VAL B 159 20.54 -23.07 20.15
N LYS B 160 20.22 -22.98 21.44
CA LYS B 160 18.89 -22.63 21.87
C LYS B 160 18.94 -21.60 23.00
N ASP B 161 17.87 -20.82 23.10
CA ASP B 161 17.64 -19.89 24.20
C ASP B 161 18.76 -18.85 24.29
N TYR B 162 18.89 -18.05 23.23
CA TYR B 162 19.76 -16.89 23.22
C TYR B 162 18.92 -15.69 22.81
N PHE B 163 18.93 -14.64 23.64
CA PHE B 163 18.06 -13.50 23.42
C PHE B 163 18.59 -12.54 22.34
N PRO B 164 19.85 -12.13 22.37
CA PRO B 164 20.35 -11.27 21.28
C PRO B 164 20.43 -12.03 19.98
N GLU B 165 19.79 -11.50 18.94
CA GLU B 165 19.69 -12.21 17.66
C GLU B 165 21.04 -12.50 17.02
N PRO B 166 21.99 -11.56 16.92
CA PRO B 166 23.24 -11.87 16.19
C PRO B 166 24.04 -12.97 16.86
N VAL B 167 24.31 -14.03 16.10
CA VAL B 167 25.13 -15.15 16.56
C VAL B 167 25.77 -15.78 15.33
N THR B 168 27.00 -16.25 15.49
CA THR B 168 27.78 -16.83 14.40
C THR B 168 28.18 -18.25 14.74
N VAL B 169 28.01 -19.15 13.77
CA VAL B 169 28.39 -20.55 13.92
C VAL B 169 29.34 -20.93 12.80
N SER B 170 30.16 -21.94 13.06
CA SER B 170 31.12 -22.44 12.07
C SER B 170 31.53 -23.85 12.48
N TRP B 171 32.16 -24.55 11.54
CA TRP B 171 32.59 -25.92 11.76
C TRP B 171 34.10 -26.03 11.53
N ASN B 172 34.80 -26.61 12.51
CA ASN B 172 36.23 -26.85 12.43
C ASN B 172 37.02 -25.57 12.18
N SER B 173 36.53 -24.46 12.75
CA SER B 173 37.18 -23.16 12.64
C SER B 173 37.41 -22.76 11.18
N GLY B 174 36.37 -22.93 10.36
CA GLY B 174 36.44 -22.56 8.97
C GLY B 174 37.00 -23.62 8.04
N ALA B 175 37.37 -24.79 8.56
CA ALA B 175 37.90 -25.86 7.72
C ALA B 175 36.80 -26.64 7.00
N LEU B 176 35.52 -26.39 7.33
CA LEU B 176 34.40 -27.06 6.68
C LEU B 176 33.44 -25.99 6.19
N THR B 177 33.31 -25.86 4.86
CA THR B 177 32.43 -24.88 4.26
C THR B 177 31.51 -25.44 3.19
N SER B 178 31.70 -26.69 2.77
CA SER B 178 30.87 -27.31 1.75
C SER B 178 29.77 -28.12 2.42
N GLY B 179 28.52 -27.89 2.01
CA GLY B 179 27.39 -28.57 2.59
C GLY B 179 26.87 -27.96 3.88
N VAL B 180 27.44 -26.85 4.32
CA VAL B 180 27.02 -26.21 5.57
C VAL B 180 25.80 -25.35 5.30
N HIS B 181 24.74 -25.58 6.07
CA HIS B 181 23.49 -24.83 5.94
C HIS B 181 23.12 -24.28 7.31
N THR B 182 23.09 -22.96 7.44
CA THR B 182 22.74 -22.28 8.68
C THR B 182 21.37 -21.65 8.51
N PHE B 183 20.36 -22.24 9.15
CA PHE B 183 19.01 -21.73 9.03
C PHE B 183 18.86 -20.41 9.77
N PRO B 184 17.94 -19.55 9.34
CA PRO B 184 17.75 -18.27 10.02
C PRO B 184 17.19 -18.45 11.42
N ALA B 185 17.48 -17.48 12.29
CA ALA B 185 17.00 -17.53 13.66
C ALA B 185 15.49 -17.37 13.71
N VAL B 186 14.87 -18.06 14.66
CA VAL B 186 13.43 -18.04 14.87
C VAL B 186 13.13 -17.62 16.30
N LEU B 187 12.12 -16.76 16.45
CA LEU B 187 11.72 -16.23 17.75
C LEU B 187 10.67 -17.15 18.37
N GLN B 188 11.04 -17.78 19.48
CA GLN B 188 10.14 -18.70 20.18
C GLN B 188 9.12 -17.92 21.01
N SER B 189 8.08 -18.63 21.43
CA SER B 189 7.03 -18.00 22.24
C SER B 189 7.56 -17.49 23.58
N SER B 190 8.67 -18.03 24.06
CA SER B 190 9.25 -17.59 25.32
C SER B 190 9.93 -16.22 25.20
N GLY B 191 10.19 -15.75 23.99
CA GLY B 191 10.88 -14.49 23.79
C GLY B 191 12.35 -14.59 23.48
N LEU B 192 12.88 -15.78 23.21
CA LEU B 192 14.28 -15.98 22.90
C LEU B 192 14.41 -16.71 21.57
N TYR B 193 15.53 -16.50 20.91
CA TYR B 193 15.78 -17.07 19.59
C TYR B 193 16.41 -18.45 19.70
N SER B 194 16.26 -19.23 18.62
CA SER B 194 16.90 -20.53 18.49
C SER B 194 17.43 -20.69 17.09
N LEU B 195 18.62 -21.29 16.96
CA LEU B 195 19.31 -21.42 15.68
C LEU B 195 19.76 -22.85 15.50
N SER B 196 19.84 -23.27 14.24
CA SER B 196 20.26 -24.63 13.89
C SER B 196 21.24 -24.59 12.73
N SER B 197 22.26 -25.44 12.80
CA SER B 197 23.25 -25.57 11.74
C SER B 197 23.39 -27.04 11.36
N VAL B 198 23.48 -27.31 10.06
CA VAL B 198 23.51 -28.66 9.53
C VAL B 198 24.55 -28.76 8.43
N VAL B 199 25.33 -29.84 8.45
CA VAL B 199 26.31 -30.14 7.43
C VAL B 199 26.07 -31.55 6.90
N THR B 200 26.58 -31.81 5.70
CA THR B 200 26.51 -33.11 5.07
C THR B 200 27.91 -33.69 4.93
N VAL B 201 28.02 -34.99 5.15
CA VAL B 201 29.33 -35.66 5.17
C VAL B 201 29.26 -36.87 4.25
N PRO B 202 30.42 -37.29 3.73
CA PRO B 202 30.42 -38.44 2.81
C PRO B 202 29.98 -39.76 3.44
N SER B 203 29.75 -39.80 4.75
CA SER B 203 29.26 -40.96 5.49
C SER B 203 30.25 -42.12 5.51
N SER B 204 31.50 -41.89 5.11
CA SER B 204 32.54 -42.91 5.21
C SER B 204 33.06 -42.89 6.65
N SER B 205 32.34 -43.63 7.51
CA SER B 205 32.60 -43.63 8.95
C SER B 205 32.56 -42.21 9.51
N LEU B 206 31.57 -41.44 9.06
CA LEU B 206 31.41 -40.03 9.45
C LEU B 206 32.64 -39.22 9.06
N GLY B 207 33.32 -39.63 7.99
CA GLY B 207 34.50 -38.95 7.53
C GLY B 207 35.75 -39.22 8.33
N THR B 208 35.70 -40.20 9.25
CA THR B 208 36.79 -40.60 10.14
C THR B 208 37.58 -39.40 10.66
N GLN B 209 36.88 -38.32 11.00
CA GLN B 209 37.49 -37.10 11.51
C GLN B 209 36.59 -36.53 12.60
N THR B 210 37.17 -35.68 13.43
CA THR B 210 36.44 -35.04 14.52
C THR B 210 35.80 -33.75 14.02
N TYR B 211 34.51 -33.59 14.28
CA TYR B 211 33.76 -32.41 13.89
C TYR B 211 33.30 -31.69 15.16
N ILE B 212 33.65 -30.41 15.27
CA ILE B 212 33.33 -29.60 16.43
C ILE B 212 32.66 -28.31 15.97
N CYS B 213 31.62 -27.90 16.70
CA CYS B 213 30.97 -26.63 16.41
C CYS B 213 31.80 -25.47 16.95
N ASN B 214 31.53 -24.28 16.41
CA ASN B 214 32.18 -23.04 16.85
C ASN B 214 31.11 -21.95 16.84
N VAL B 215 30.48 -21.75 17.99
CA VAL B 215 29.42 -20.76 18.14
C VAL B 215 29.96 -19.58 18.93
N ASN B 216 29.76 -18.37 18.41
CA ASN B 216 30.24 -17.15 19.03
C ASN B 216 29.05 -16.21 19.24
N HIS B 217 28.87 -15.78 20.49
CA HIS B 217 27.82 -14.85 20.89
C HIS B 217 28.47 -13.55 21.33
N LYS B 218 28.67 -12.65 20.37
CA LYS B 218 29.34 -11.38 20.63
C LYS B 218 28.64 -10.51 21.67
N PRO B 219 27.31 -10.35 21.68
CA PRO B 219 26.68 -9.57 22.76
C PRO B 219 26.93 -10.11 24.15
N SER B 220 27.49 -11.33 24.28
CA SER B 220 27.91 -11.85 25.57
C SER B 220 29.35 -12.32 25.48
N ASN B 221 29.82 -13.04 26.50
CA ASN B 221 31.14 -13.68 26.46
C ASN B 221 30.89 -15.19 26.53
N THR B 222 30.67 -15.79 25.36
CA THR B 222 30.36 -17.21 25.27
C THR B 222 31.04 -17.80 24.04
N LYS B 223 31.72 -18.93 24.24
CA LYS B 223 32.39 -19.64 23.15
C LYS B 223 32.35 -21.12 23.49
N VAL B 224 31.42 -21.84 22.88
CA VAL B 224 31.19 -23.26 23.18
C VAL B 224 31.63 -24.08 21.97
N ASP B 225 32.48 -25.07 22.22
CA ASP B 225 32.98 -25.97 21.18
C ASP B 225 32.50 -27.38 21.52
N LYS B 226 31.40 -27.80 20.90
CA LYS B 226 30.82 -29.11 21.15
C LYS B 226 31.14 -30.05 19.99
N LYS B 227 31.58 -31.26 20.32
CA LYS B 227 31.91 -32.26 19.32
C LYS B 227 30.70 -33.17 19.10
N VAL B 228 30.27 -33.29 17.85
CA VAL B 228 29.12 -34.12 17.49
C VAL B 228 29.62 -35.53 17.27
N GLU B 229 29.27 -36.44 18.18
CA GLU B 229 29.68 -37.83 18.08
C GLU B 229 28.50 -38.72 17.73
N PRO B 230 28.71 -39.74 16.89
CA PRO B 230 27.61 -40.65 16.56
C PRO B 230 27.26 -41.53 17.75
N LYS B 231 25.97 -41.75 17.95
CA LYS B 231 25.50 -42.59 19.03
C LYS B 231 25.70 -44.07 18.71
N SER C 1 -9.36 2.22 7.00
CA SER C 1 -9.36 3.43 6.21
C SER C 1 -8.23 3.44 5.18
N ASP C 2 -7.68 2.27 4.88
CA ASP C 2 -6.65 2.20 3.86
C ASP C 2 -7.22 1.68 2.54
N ILE C 3 -6.40 1.84 1.50
CA ILE C 3 -6.73 1.38 0.15
C ILE C 3 -5.94 0.11 -0.09
N GLN C 4 -6.63 -1.02 -0.18
CA GLN C 4 -5.97 -2.29 -0.41
C GLN C 4 -5.43 -2.34 -1.83
N MET C 5 -4.18 -2.80 -1.97
CA MET C 5 -3.54 -2.95 -3.28
C MET C 5 -3.07 -4.40 -3.38
N THR C 6 -3.69 -5.17 -4.27
CA THR C 6 -3.47 -6.60 -4.36
C THR C 6 -2.43 -6.90 -5.44
N GLN C 7 -1.30 -7.45 -5.03
CA GLN C 7 -0.24 -7.87 -5.94
C GLN C 7 -0.43 -9.36 -6.20
N SER C 8 -1.02 -9.70 -7.35
CA SER C 8 -1.46 -11.07 -7.60
C SER C 8 -0.33 -12.09 -7.57
N PRO C 9 0.81 -11.91 -8.28
CA PRO C 9 1.88 -12.90 -8.20
C PRO C 9 2.73 -12.69 -6.95
N SER C 10 2.59 -13.60 -5.98
CA SER C 10 3.38 -13.50 -4.77
C SER C 10 4.79 -14.06 -4.94
N SER C 11 4.99 -14.97 -5.89
CA SER C 11 6.30 -15.55 -6.14
C SER C 11 6.39 -15.93 -7.60
N LEU C 12 7.48 -15.53 -8.26
CA LEU C 12 7.66 -15.76 -9.69
C LEU C 12 9.00 -16.46 -9.92
N SER C 13 8.99 -17.44 -10.82
CA SER C 13 10.19 -18.16 -11.20
C SER C 13 10.51 -17.87 -12.66
N ALA C 14 11.75 -17.48 -12.93
CA ALA C 14 12.16 -17.10 -14.27
C ALA C 14 13.64 -17.38 -14.45
N SER C 15 14.06 -17.44 -15.71
CA SER C 15 15.46 -17.64 -16.08
C SER C 15 16.00 -16.35 -16.69
N VAL C 16 17.29 -16.38 -17.01
CA VAL C 16 17.95 -15.20 -17.58
C VAL C 16 17.49 -15.02 -19.03
N GLY C 17 17.02 -13.81 -19.34
CA GLY C 17 16.51 -13.50 -20.66
C GLY C 17 15.01 -13.58 -20.81
N ASP C 18 14.31 -14.13 -19.82
CA ASP C 18 12.87 -14.26 -19.89
C ASP C 18 12.20 -12.90 -19.67
N ARG C 19 10.91 -12.85 -19.99
CA ARG C 19 10.10 -11.66 -19.78
C ARG C 19 9.18 -11.88 -18.58
N VAL C 20 9.17 -10.92 -17.66
CA VAL C 20 8.49 -11.05 -16.38
C VAL C 20 7.45 -9.94 -16.28
N THR C 21 6.23 -10.29 -15.88
CA THR C 21 5.14 -9.34 -15.70
C THR C 21 4.57 -9.49 -14.30
N ILE C 22 4.51 -8.37 -13.57
CA ILE C 22 3.94 -8.33 -12.23
C ILE C 22 2.80 -7.33 -12.23
N THR C 23 1.63 -7.76 -11.78
CA THR C 23 0.43 -6.93 -11.81
C THR C 23 0.09 -6.44 -10.41
N CYS C 24 -0.60 -5.30 -10.37
CA CYS C 24 -1.05 -4.69 -9.12
C CYS C 24 -2.46 -4.16 -9.33
N ARG C 25 -3.35 -4.47 -8.38
CA ARG C 25 -4.75 -4.11 -8.47
C ARG C 25 -5.13 -3.21 -7.32
N ALA C 26 -5.73 -2.06 -7.62
CA ALA C 26 -6.12 -1.09 -6.61
C ALA C 26 -7.60 -1.23 -6.29
N SER C 27 -7.93 -1.21 -5.00
CA SER C 27 -9.31 -1.34 -4.56
C SER C 27 -10.15 -0.11 -4.89
N GLN C 28 -9.52 0.99 -5.32
CA GLN C 28 -10.22 2.23 -5.65
C GLN C 28 -9.35 2.99 -6.62
N SER C 29 -9.96 3.99 -7.26
CA SER C 29 -9.21 4.84 -8.18
C SER C 29 -8.13 5.61 -7.43
N VAL C 30 -6.89 5.53 -7.92
CA VAL C 30 -5.77 6.20 -7.29
C VAL C 30 -5.04 7.05 -8.33
N SER C 31 -5.70 7.31 -9.44
CA SER C 31 -5.14 8.09 -10.56
C SER C 31 -3.87 7.36 -11.02
N SER C 32 -2.80 8.08 -11.34
CA SER C 32 -1.54 7.49 -11.76
C SER C 32 -0.47 7.65 -10.69
N ALA C 33 -0.86 7.50 -9.42
CA ALA C 33 0.02 7.74 -8.29
C ALA C 33 0.72 6.48 -7.80
N VAL C 34 1.04 5.56 -8.70
CA VAL C 34 1.62 4.27 -8.34
C VAL C 34 3.11 4.29 -8.65
N ALA C 35 3.91 3.79 -7.71
CA ALA C 35 5.35 3.65 -7.89
C ALA C 35 5.75 2.22 -7.64
N TRP C 36 6.89 1.83 -8.22
CA TRP C 36 7.43 0.48 -8.09
C TRP C 36 8.82 0.55 -7.48
N TYR C 37 9.11 -0.37 -6.56
CA TYR C 37 10.38 -0.40 -5.85
C TYR C 37 11.01 -1.77 -5.95
N GLN C 38 12.34 -1.81 -5.83
CA GLN C 38 13.10 -3.05 -5.85
C GLN C 38 13.95 -3.12 -4.59
N GLN C 39 13.81 -4.20 -3.84
CA GLN C 39 14.55 -4.40 -2.60
C GLN C 39 15.32 -5.72 -2.65
N LYS C 40 16.56 -5.67 -2.19
CA LYS C 40 17.43 -6.84 -2.08
C LYS C 40 17.64 -7.18 -0.60
N PRO C 41 17.96 -8.44 -0.30
CA PRO C 41 18.07 -8.85 1.12
C PRO C 41 19.09 -8.04 1.88
N GLY C 42 18.63 -7.39 2.96
CA GLY C 42 19.50 -6.63 3.82
C GLY C 42 19.80 -5.22 3.36
N LYS C 43 19.08 -4.70 2.37
CA LYS C 43 19.34 -3.38 1.82
C LYS C 43 18.04 -2.59 1.74
N ALA C 44 18.19 -1.28 1.53
CA ALA C 44 17.06 -0.37 1.41
C ALA C 44 16.43 -0.47 0.02
N PRO C 45 15.13 -0.16 -0.10
CA PRO C 45 14.49 -0.21 -1.40
C PRO C 45 15.01 0.86 -2.35
N LYS C 46 14.92 0.57 -3.64
CA LYS C 46 15.33 1.48 -4.70
C LYS C 46 14.14 1.76 -5.62
N LEU C 47 13.92 3.03 -5.94
CA LEU C 47 12.84 3.39 -6.85
C LEU C 47 13.20 3.00 -8.29
N LEU C 48 12.22 2.44 -8.99
CA LEU C 48 12.39 2.07 -10.39
C LEU C 48 11.50 2.91 -11.31
N ILE C 49 10.20 2.92 -11.07
CA ILE C 49 9.24 3.62 -11.90
C ILE C 49 8.34 4.47 -11.01
N TYR C 50 8.21 5.74 -11.35
CA TYR C 50 7.31 6.66 -10.66
C TYR C 50 6.19 7.07 -11.60
N SER C 51 5.04 7.42 -11.02
CA SER C 51 3.82 7.77 -11.75
C SER C 51 3.35 6.64 -12.65
N ALA C 52 3.75 5.41 -12.34
CA ALA C 52 3.23 4.18 -12.92
C ALA C 52 3.69 3.95 -14.36
N SER C 53 4.33 4.94 -14.98
CA SER C 53 4.83 4.76 -16.33
C SER C 53 6.21 5.35 -16.60
N SER C 54 6.74 6.21 -15.74
CA SER C 54 7.97 6.94 -16.02
C SER C 54 9.16 6.22 -15.41
N LEU C 55 10.23 6.10 -16.18
CA LEU C 55 11.43 5.42 -15.73
C LEU C 55 12.33 6.39 -14.96
N TYR C 56 12.68 6.01 -13.73
CA TYR C 56 13.54 6.85 -12.92
C TYR C 56 14.94 6.91 -13.50
N SER C 57 15.63 8.03 -13.24
CA SER C 57 16.95 8.25 -13.80
C SER C 57 17.94 7.21 -13.27
N GLY C 58 18.71 6.62 -14.18
CA GLY C 58 19.70 5.63 -13.83
C GLY C 58 19.22 4.19 -13.91
N VAL C 59 17.92 3.96 -13.92
CA VAL C 59 17.39 2.61 -14.03
C VAL C 59 17.50 2.15 -15.49
N PRO C 60 17.97 0.93 -15.74
CA PRO C 60 18.11 0.47 -17.13
C PRO C 60 16.77 0.41 -17.85
N SER C 61 16.85 0.38 -19.19
CA SER C 61 15.67 0.47 -20.04
C SER C 61 14.80 -0.78 -20.00
N ARG C 62 15.26 -1.86 -19.38
CA ARG C 62 14.47 -3.09 -19.35
C ARG C 62 13.16 -2.90 -18.61
N PHE C 63 13.20 -2.18 -17.48
CA PHE C 63 12.01 -2.00 -16.67
C PHE C 63 11.02 -1.04 -17.33
N SER C 64 9.74 -1.36 -17.21
CA SER C 64 8.68 -0.56 -17.80
C SER C 64 7.45 -0.62 -16.93
N GLY C 65 6.58 0.38 -17.09
CA GLY C 65 5.34 0.43 -16.34
C GLY C 65 4.19 0.85 -17.24
N SER C 66 2.99 0.44 -16.84
CA SER C 66 1.79 0.77 -17.58
C SER C 66 0.60 0.79 -16.63
N ARG C 67 -0.43 1.54 -17.00
CA ARG C 67 -1.64 1.68 -16.20
C ARG C 67 -2.86 1.49 -17.10
N SER C 68 -3.80 0.67 -16.65
CA SER C 68 -5.06 0.42 -17.37
C SER C 68 -6.18 0.49 -16.35
N GLY C 69 -6.72 1.68 -16.15
CA GLY C 69 -7.73 1.89 -15.12
C GLY C 69 -7.16 1.79 -13.72
N THR C 70 -7.65 0.84 -12.94
CA THR C 70 -7.14 0.59 -11.59
C THR C 70 -6.12 -0.54 -11.58
N ASP C 71 -5.59 -0.91 -12.74
CA ASP C 71 -4.70 -2.04 -12.90
C ASP C 71 -3.33 -1.54 -13.37
N PHE C 72 -2.28 -1.91 -12.63
CA PHE C 72 -0.93 -1.46 -12.92
C PHE C 72 -0.02 -2.68 -13.05
N THR C 73 0.87 -2.64 -14.04
CA THR C 73 1.76 -3.75 -14.32
C THR C 73 3.20 -3.27 -14.38
N LEU C 74 4.12 -4.16 -13.98
CA LEU C 74 5.55 -3.93 -14.08
C LEU C 74 6.14 -5.00 -14.99
N THR C 75 6.93 -4.58 -15.97
CA THR C 75 7.45 -5.48 -16.98
C THR C 75 8.97 -5.38 -17.05
N ILE C 76 9.62 -6.53 -17.16
CA ILE C 76 11.05 -6.63 -17.42
C ILE C 76 11.24 -7.32 -18.76
N SER C 77 11.99 -6.69 -19.66
CA SER C 77 12.11 -7.21 -21.02
C SER C 77 13.01 -8.44 -21.06
N SER C 78 14.27 -8.29 -20.67
CA SER C 78 15.22 -9.39 -20.61
C SER C 78 15.77 -9.47 -19.20
N LEU C 79 15.47 -10.57 -18.51
CA LEU C 79 15.90 -10.73 -17.13
C LEU C 79 17.41 -10.93 -17.07
N GLN C 80 18.03 -10.31 -16.07
CA GLN C 80 19.47 -10.35 -15.84
C GLN C 80 19.76 -10.94 -14.47
N PRO C 81 20.97 -11.47 -14.26
CA PRO C 81 21.28 -12.09 -12.96
C PRO C 81 21.19 -11.14 -11.79
N GLU C 82 21.26 -9.83 -12.01
CA GLU C 82 21.11 -8.85 -10.94
C GLU C 82 19.68 -8.38 -10.76
N ASP C 83 18.72 -8.96 -11.49
CA ASP C 83 17.32 -8.58 -11.39
C ASP C 83 16.51 -9.49 -10.47
N PHE C 84 17.16 -10.45 -9.80
CA PHE C 84 16.48 -11.37 -8.91
C PHE C 84 16.39 -10.72 -7.53
N ALA C 85 15.21 -10.21 -7.20
CA ALA C 85 14.99 -9.51 -5.93
C ALA C 85 13.49 -9.48 -5.66
N THR C 86 13.09 -8.68 -4.67
CA THR C 86 11.69 -8.51 -4.31
C THR C 86 11.22 -7.14 -4.78
N TYR C 87 10.02 -7.11 -5.36
CA TYR C 87 9.46 -5.89 -5.93
C TYR C 87 8.17 -5.53 -5.21
N TYR C 88 7.98 -4.24 -4.94
CA TYR C 88 6.85 -3.75 -4.16
C TYR C 88 6.06 -2.74 -4.97
N CYS C 89 4.75 -2.77 -4.80
CA CYS C 89 3.82 -1.87 -5.47
C CYS C 89 3.25 -0.91 -4.44
N GLN C 90 3.26 0.38 -4.76
CA GLN C 90 2.86 1.42 -3.81
C GLN C 90 1.88 2.37 -4.47
N GLN C 91 0.96 2.90 -3.67
CA GLN C 91 0.07 3.98 -4.09
C GLN C 91 0.28 5.16 -3.16
N SER C 92 0.12 6.37 -3.71
CA SER C 92 0.37 7.58 -2.94
C SER C 92 -0.70 8.64 -3.16
N TYR C 93 -1.91 8.25 -3.55
CA TYR C 93 -2.95 9.22 -3.85
C TYR C 93 -3.70 9.65 -2.60
N TRP C 94 -3.97 8.73 -1.69
CA TRP C 94 -4.74 9.01 -0.49
C TRP C 94 -3.83 9.09 0.74
N SER C 95 -4.33 9.76 1.78
CA SER C 95 -3.49 10.12 2.91
C SER C 95 -2.84 8.93 3.59
N PRO C 96 -3.54 7.82 3.91
CA PRO C 96 -2.85 6.62 4.39
C PRO C 96 -2.18 5.88 3.23
N ILE C 97 -0.86 5.97 3.17
CA ILE C 97 -0.10 5.36 2.09
C ILE C 97 -0.02 3.86 2.33
N THR C 98 -0.32 3.08 1.29
CA THR C 98 -0.32 1.62 1.38
C THR C 98 0.59 1.01 0.34
N PHE C 99 1.17 -0.13 0.68
CA PHE C 99 2.08 -0.87 -0.18
C PHE C 99 1.43 -2.16 -0.64
N GLY C 100 2.08 -2.81 -1.62
CA GLY C 100 1.69 -4.12 -2.03
C GLY C 100 2.32 -5.20 -1.17
N GLN C 101 1.78 -6.42 -1.29
CA GLN C 101 2.27 -7.53 -0.48
C GLN C 101 3.71 -7.87 -0.84
N GLY C 102 4.05 -7.85 -2.12
CA GLY C 102 5.40 -8.13 -2.56
C GLY C 102 5.49 -9.30 -3.52
N THR C 103 6.49 -9.27 -4.40
CA THR C 103 6.71 -10.34 -5.37
C THR C 103 8.20 -10.64 -5.42
N LYS C 104 8.56 -11.89 -5.14
CA LYS C 104 9.95 -12.32 -5.16
C LYS C 104 10.22 -13.11 -6.43
N VAL C 105 11.25 -12.69 -7.17
CA VAL C 105 11.64 -13.34 -8.42
C VAL C 105 12.84 -14.22 -8.14
N GLU C 106 12.74 -15.48 -8.51
CA GLU C 106 13.70 -16.51 -8.16
C GLU C 106 14.18 -17.20 -9.43
N ILE C 107 15.29 -17.92 -9.32
CA ILE C 107 15.88 -18.60 -10.47
C ILE C 107 15.14 -19.91 -10.70
N LYS C 108 14.69 -20.13 -11.94
CA LYS C 108 14.02 -21.38 -12.28
C LYS C 108 15.03 -22.52 -12.35
N ARG C 109 14.57 -23.72 -12.21
CA ARG C 109 15.52 -24.82 -12.20
C ARG C 109 14.64 -26.06 -12.26
N THR C 110 15.26 -27.24 -12.30
CA THR C 110 14.58 -28.51 -12.33
C THR C 110 14.19 -28.96 -10.92
N VAL C 111 13.15 -29.78 -10.86
CA VAL C 111 12.60 -30.23 -9.58
C VAL C 111 13.52 -31.29 -8.98
N ALA C 112 13.87 -31.13 -7.71
CA ALA C 112 14.67 -32.09 -6.97
C ALA C 112 13.93 -32.47 -5.70
N ALA C 113 13.83 -33.78 -5.44
CA ALA C 113 13.12 -34.25 -4.27
C ALA C 113 13.92 -33.98 -3.01
N PRO C 114 13.25 -33.66 -1.89
CA PRO C 114 13.99 -33.40 -0.65
C PRO C 114 14.57 -34.67 -0.05
N SER C 115 15.65 -34.49 0.72
CA SER C 115 16.25 -35.55 1.51
C SER C 115 15.86 -35.34 2.96
N VAL C 116 15.21 -36.34 3.55
CA VAL C 116 14.62 -36.22 4.88
C VAL C 116 15.52 -36.90 5.90
N PHE C 117 15.85 -36.16 6.96
CA PHE C 117 16.61 -36.68 8.08
C PHE C 117 15.92 -36.31 9.38
N ILE C 118 16.11 -37.14 10.41
CA ILE C 118 15.53 -36.90 11.72
C ILE C 118 16.61 -37.04 12.78
N PHE C 119 16.42 -36.35 13.91
CA PHE C 119 17.41 -36.37 14.98
C PHE C 119 16.71 -36.47 16.33
N PRO C 120 17.03 -37.48 17.13
CA PRO C 120 16.47 -37.58 18.48
C PRO C 120 17.09 -36.55 19.41
N PRO C 121 16.40 -36.16 20.48
CA PRO C 121 16.97 -35.17 21.39
C PRO C 121 18.22 -35.69 22.10
N SER C 122 19.12 -34.77 22.40
CA SER C 122 20.39 -35.12 23.03
C SER C 122 20.18 -35.39 24.52
N ASP C 123 21.16 -36.10 25.11
CA ASP C 123 21.08 -36.44 26.53
C ASP C 123 21.15 -35.20 27.41
N SER C 124 22.02 -34.25 27.08
CA SER C 124 22.17 -33.05 27.90
C SER C 124 20.88 -32.23 27.90
N GLN C 125 20.24 -32.10 26.75
CA GLN C 125 18.98 -31.36 26.69
C GLN C 125 17.90 -32.04 27.52
N LEU C 126 17.83 -33.38 27.44
CA LEU C 126 16.87 -34.11 28.26
C LEU C 126 17.14 -33.90 29.74
N LYS C 127 18.41 -33.93 30.15
CA LYS C 127 18.74 -33.65 31.54
C LYS C 127 18.37 -32.23 31.92
N SER C 128 18.42 -31.29 30.97
CA SER C 128 18.01 -29.93 31.22
C SER C 128 16.49 -29.78 31.39
N GLY C 129 15.71 -30.80 31.04
CA GLY C 129 14.28 -30.75 31.19
C GLY C 129 13.49 -30.44 29.94
N THR C 130 14.14 -30.38 28.78
CA THR C 130 13.47 -30.08 27.52
C THR C 130 13.86 -31.12 26.48
N ALA C 131 12.94 -31.43 25.58
CA ALA C 131 13.16 -32.38 24.51
C ALA C 131 12.81 -31.74 23.19
N SER C 132 13.74 -31.75 22.25
CA SER C 132 13.55 -31.16 20.93
C SER C 132 13.85 -32.22 19.86
N VAL C 133 12.91 -32.40 18.93
CA VAL C 133 13.08 -33.31 17.81
C VAL C 133 13.04 -32.49 16.53
N VAL C 134 14.07 -32.62 15.71
CA VAL C 134 14.22 -31.80 14.51
C VAL C 134 14.25 -32.70 13.28
N CYS C 135 13.65 -32.22 12.20
CA CYS C 135 13.65 -32.88 10.91
C CYS C 135 14.24 -31.94 9.86
N LEU C 136 15.04 -32.51 8.96
CA LEU C 136 15.80 -31.72 7.99
C LEU C 136 15.39 -32.09 6.57
N LEU C 137 15.18 -31.05 5.74
CA LEU C 137 14.99 -31.21 4.31
C LEU C 137 16.19 -30.58 3.60
N ASN C 138 16.83 -31.34 2.71
CA ASN C 138 18.07 -30.92 2.09
C ASN C 138 17.93 -30.88 0.57
N ASN C 139 18.23 -29.73 -0.01
CA ASN C 139 18.39 -29.57 -1.47
C ASN C 139 17.13 -29.99 -2.22
N PHE C 140 16.05 -29.23 -1.97
CA PHE C 140 14.78 -29.45 -2.64
C PHE C 140 14.35 -28.19 -3.37
N TYR C 141 13.75 -28.38 -4.54
CA TYR C 141 13.19 -27.31 -5.35
C TYR C 141 11.90 -27.80 -5.99
N PRO C 142 10.84 -26.97 -6.00
CA PRO C 142 10.79 -25.60 -5.47
C PRO C 142 10.63 -25.49 -3.95
N ARG C 143 10.41 -24.28 -3.46
CA ARG C 143 10.37 -24.06 -2.00
C ARG C 143 9.07 -24.60 -1.41
N GLU C 144 8.02 -24.70 -2.22
CA GLU C 144 6.75 -25.18 -1.68
C GLU C 144 6.85 -26.61 -1.18
N ALA C 145 6.73 -26.78 0.14
CA ALA C 145 6.78 -28.10 0.76
C ALA C 145 6.00 -28.06 2.06
N LYS C 146 5.63 -29.25 2.55
CA LYS C 146 4.85 -29.39 3.76
C LYS C 146 5.53 -30.40 4.67
N VAL C 147 5.54 -30.11 5.98
CA VAL C 147 6.12 -30.97 7.00
C VAL C 147 5.06 -31.26 8.05
N GLN C 148 4.87 -32.54 8.35
CA GLN C 148 3.88 -32.98 9.34
C GLN C 148 4.57 -33.80 10.42
N TRP C 149 4.13 -33.62 11.65
CA TRP C 149 4.65 -34.35 12.81
C TRP C 149 3.60 -35.31 13.32
N LYS C 150 3.96 -36.59 13.42
CA LYS C 150 3.07 -37.63 13.94
C LYS C 150 3.73 -38.30 15.12
N VAL C 151 3.07 -38.26 16.27
CA VAL C 151 3.54 -38.90 17.49
C VAL C 151 2.51 -39.94 17.90
N ASP C 152 2.94 -41.20 18.02
CA ASP C 152 2.03 -42.33 18.28
C ASP C 152 0.92 -42.37 17.23
N ASN C 153 1.29 -42.11 15.97
CA ASN C 153 0.35 -42.08 14.86
C ASN C 153 -0.79 -41.10 15.11
N ALA C 154 -0.46 -39.96 15.72
CA ALA C 154 -1.44 -38.92 16.01
C ALA C 154 -0.91 -37.58 15.53
N LEU C 155 -1.79 -36.79 14.92
CA LEU C 155 -1.40 -35.49 14.39
C LEU C 155 -1.10 -34.52 15.52
N GLN C 156 -0.14 -33.63 15.27
CA GLN C 156 0.23 -32.58 16.22
C GLN C 156 0.19 -31.23 15.52
N SER C 157 -0.24 -30.20 16.25
CA SER C 157 -0.34 -28.87 15.69
C SER C 157 -0.09 -27.85 16.79
N GLY C 158 0.59 -26.76 16.44
CA GLY C 158 0.88 -25.68 17.35
C GLY C 158 2.09 -25.86 18.23
N ASN C 159 2.79 -26.99 18.13
CA ASN C 159 3.98 -27.26 18.94
C ASN C 159 5.22 -27.42 18.08
N SER C 160 5.18 -26.98 16.83
CA SER C 160 6.32 -27.10 15.93
C SER C 160 6.50 -25.80 15.17
N GLN C 161 7.76 -25.53 14.79
CA GLN C 161 8.13 -24.31 14.10
C GLN C 161 9.18 -24.63 13.06
N GLU C 162 9.20 -23.86 11.97
CA GLU C 162 10.08 -24.16 10.86
C GLU C 162 10.75 -22.88 10.35
N SER C 163 11.90 -23.07 9.71
CA SER C 163 12.65 -21.99 9.08
C SER C 163 13.23 -22.47 7.76
N VAL C 164 13.33 -21.56 6.80
CA VAL C 164 13.82 -21.87 5.45
C VAL C 164 14.99 -20.95 5.13
N THR C 165 15.98 -21.51 4.42
CA THR C 165 17.14 -20.75 3.99
C THR C 165 16.84 -20.02 2.68
N GLU C 166 17.82 -19.25 2.22
CA GLU C 166 17.71 -18.59 0.93
C GLU C 166 18.08 -19.56 -0.19
N GLN C 167 17.84 -19.12 -1.43
CA GLN C 167 18.20 -19.94 -2.59
C GLN C 167 19.72 -20.05 -2.68
N ASP C 168 20.20 -21.26 -2.92
CA ASP C 168 21.63 -21.50 -2.96
C ASP C 168 22.28 -20.78 -4.15
N SER C 169 23.52 -20.34 -3.93
CA SER C 169 24.23 -19.62 -4.99
C SER C 169 24.51 -20.52 -6.18
N LYS C 170 24.91 -21.77 -5.93
CA LYS C 170 25.30 -22.69 -7.00
C LYS C 170 24.18 -23.67 -7.36
N ASP C 171 23.65 -24.40 -6.38
CA ASP C 171 22.63 -25.39 -6.67
C ASP C 171 21.25 -24.78 -6.90
N SER C 172 21.02 -23.56 -6.42
CA SER C 172 19.73 -22.87 -6.57
C SER C 172 18.59 -23.72 -5.99
N THR C 173 18.84 -24.35 -4.85
CA THR C 173 17.87 -25.17 -4.17
C THR C 173 17.57 -24.57 -2.80
N TYR C 174 16.73 -25.27 -2.03
CA TYR C 174 16.28 -24.81 -0.73
C TYR C 174 16.56 -25.85 0.32
N SER C 175 16.65 -25.40 1.57
CA SER C 175 16.82 -26.27 2.73
C SER C 175 15.76 -25.91 3.77
N LEU C 176 15.20 -26.92 4.40
CA LEU C 176 14.12 -26.73 5.37
C LEU C 176 14.43 -27.51 6.64
N SER C 177 14.08 -26.93 7.79
CA SER C 177 14.23 -27.57 9.08
C SER C 177 13.01 -27.30 9.93
N SER C 178 12.50 -28.33 10.58
CA SER C 178 11.34 -28.22 11.46
C SER C 178 11.72 -28.75 12.84
N THR C 179 11.41 -27.96 13.87
CA THR C 179 11.76 -28.29 15.24
C THR C 179 10.49 -28.53 16.05
N LEU C 180 10.43 -29.66 16.75
CA LEU C 180 9.30 -30.01 17.59
C LEU C 180 9.71 -29.81 19.05
N THR C 181 8.97 -28.96 19.75
CA THR C 181 9.26 -28.61 21.13
C THR C 181 8.26 -29.30 22.05
N LEU C 182 8.74 -30.21 22.88
CA LEU C 182 7.92 -30.92 23.85
C LEU C 182 8.64 -30.95 25.19
N SER C 183 7.86 -30.95 26.26
CA SER C 183 8.42 -31.04 27.60
C SER C 183 8.98 -32.44 27.85
N LYS C 184 9.74 -32.56 28.93
CA LYS C 184 10.34 -33.84 29.29
C LYS C 184 9.29 -34.91 29.55
N ALA C 185 8.22 -34.55 30.27
CA ALA C 185 7.20 -35.52 30.62
C ALA C 185 6.49 -36.06 29.38
N ASP C 186 6.01 -35.18 28.51
CA ASP C 186 5.31 -35.63 27.31
C ASP C 186 6.22 -36.42 26.39
N TYR C 187 7.50 -36.06 26.32
CA TYR C 187 8.43 -36.82 25.49
C TYR C 187 8.56 -38.25 26.00
N GLU C 188 8.70 -38.42 27.32
CA GLU C 188 8.82 -39.78 27.84
C GLU C 188 7.49 -40.52 27.86
N LYS C 189 6.36 -39.81 27.81
CA LYS C 189 5.06 -40.48 27.80
C LYS C 189 4.85 -41.27 26.51
N HIS C 190 5.27 -40.72 25.38
CA HIS C 190 5.07 -41.33 24.08
C HIS C 190 6.31 -42.14 23.67
N LYS C 191 6.12 -43.00 22.67
CA LYS C 191 7.14 -43.95 22.24
C LYS C 191 7.68 -43.67 20.85
N VAL C 192 6.82 -43.58 19.85
CA VAL C 192 7.25 -43.47 18.46
C VAL C 192 6.99 -42.06 17.95
N TYR C 193 7.98 -41.50 17.25
CA TYR C 193 7.89 -40.16 16.68
C TYR C 193 8.20 -40.25 15.19
N ALA C 194 7.26 -39.78 14.36
CA ALA C 194 7.39 -39.86 12.92
C ALA C 194 7.09 -38.51 12.30
N CYS C 195 7.91 -38.12 11.32
CA CYS C 195 7.74 -36.87 10.59
C CYS C 195 7.44 -37.19 9.12
N GLU C 196 6.36 -36.62 8.61
CA GLU C 196 5.93 -36.85 7.23
C GLU C 196 6.22 -35.62 6.38
N VAL C 197 6.85 -35.83 5.23
CA VAL C 197 7.23 -34.76 4.33
C VAL C 197 6.56 -35.01 2.98
N THR C 198 5.89 -33.98 2.45
CA THR C 198 5.22 -34.05 1.16
C THR C 198 5.79 -32.97 0.25
N HIS C 199 6.10 -33.34 -0.99
CA HIS C 199 6.68 -32.42 -1.94
C HIS C 199 6.18 -32.76 -3.34
N GLN C 200 6.28 -31.78 -4.24
CA GLN C 200 5.81 -31.98 -5.60
C GLN C 200 6.60 -33.06 -6.33
N GLY C 201 7.89 -33.21 -6.02
CA GLY C 201 8.72 -34.20 -6.67
C GLY C 201 8.59 -35.61 -6.15
N LEU C 202 7.75 -35.83 -5.15
CA LEU C 202 7.55 -37.15 -4.55
C LEU C 202 6.17 -37.67 -4.92
N SER C 203 6.12 -38.86 -5.51
CA SER C 203 4.84 -39.48 -5.83
C SER C 203 4.06 -39.81 -4.56
N SER C 204 4.74 -40.34 -3.55
CA SER C 204 4.14 -40.67 -2.27
C SER C 204 4.96 -40.06 -1.15
N PRO C 205 4.30 -39.68 -0.05
CA PRO C 205 5.04 -39.07 1.07
C PRO C 205 6.05 -40.05 1.67
N VAL C 206 7.19 -39.50 2.09
CA VAL C 206 8.21 -40.26 2.79
C VAL C 206 8.20 -39.86 4.25
N THR C 207 8.45 -40.83 5.12
CA THR C 207 8.36 -40.61 6.57
C THR C 207 9.54 -41.27 7.25
N LYS C 208 10.31 -40.48 8.00
CA LYS C 208 11.40 -40.99 8.83
C LYS C 208 10.96 -41.02 10.28
N SER C 209 11.38 -42.06 11.01
CA SER C 209 10.98 -42.22 12.39
C SER C 209 12.10 -42.88 13.18
N PHE C 210 12.03 -42.72 14.50
CA PHE C 210 12.99 -43.32 15.41
C PHE C 210 12.26 -43.83 16.64
N ASN C 211 12.89 -44.79 17.32
CA ASN C 211 12.30 -45.43 18.49
C ASN C 211 12.94 -44.89 19.75
N ARG C 212 12.12 -44.40 20.67
CA ARG C 212 12.60 -43.85 21.93
C ARG C 212 13.05 -44.95 22.88
N VAL D 1 -13.62 -38.21 -8.41
CA VAL D 1 -12.85 -37.67 -9.53
C VAL D 1 -12.07 -38.79 -10.21
N GLN D 2 -12.28 -38.94 -11.52
CA GLN D 2 -11.63 -39.96 -12.32
C GLN D 2 -10.87 -39.31 -13.46
N LEU D 3 -9.68 -39.84 -13.75
CA LEU D 3 -8.84 -39.35 -14.82
C LEU D 3 -8.40 -40.51 -15.70
N GLN D 4 -8.32 -40.27 -17.01
CA GLN D 4 -7.94 -41.28 -17.97
C GLN D 4 -6.79 -40.78 -18.83
N GLU D 5 -5.98 -41.71 -19.34
CA GLU D 5 -4.81 -41.41 -20.14
C GLU D 5 -5.10 -41.73 -21.60
N SER D 6 -4.76 -40.81 -22.49
CA SER D 6 -4.95 -40.97 -23.92
C SER D 6 -3.60 -41.01 -24.63
N GLY D 7 -3.49 -41.88 -25.63
CA GLY D 7 -2.27 -42.02 -26.39
C GLY D 7 -1.35 -43.09 -25.83
N GLY D 8 -0.34 -43.42 -26.63
CA GLY D 8 0.64 -44.43 -26.29
C GLY D 8 0.89 -45.33 -27.48
N GLY D 9 1.52 -46.47 -27.22
CA GLY D 9 1.83 -47.45 -28.23
C GLY D 9 3.29 -47.41 -28.66
N LEU D 10 3.66 -48.43 -29.42
CA LEU D 10 5.05 -48.54 -29.88
C LEU D 10 5.33 -47.52 -30.97
N VAL D 11 6.44 -46.79 -30.81
CA VAL D 11 6.87 -45.79 -31.79
C VAL D 11 8.36 -45.96 -32.04
N GLN D 12 8.79 -45.46 -33.19
CA GLN D 12 10.20 -45.53 -33.55
C GLN D 12 11.02 -44.65 -32.62
N PRO D 13 12.25 -45.05 -32.27
CA PRO D 13 13.10 -44.18 -31.44
C PRO D 13 13.34 -42.84 -32.12
N GLY D 14 13.37 -41.79 -31.31
CA GLY D 14 13.48 -40.43 -31.81
C GLY D 14 12.18 -39.82 -32.30
N GLY D 15 11.07 -40.54 -32.18
CA GLY D 15 9.79 -40.01 -32.60
C GLY D 15 9.12 -39.18 -31.54
N SER D 16 7.91 -38.72 -31.86
CA SER D 16 7.14 -37.86 -30.97
C SER D 16 5.77 -38.46 -30.74
N LEU D 17 5.34 -38.51 -29.49
CA LEU D 17 4.01 -38.98 -29.11
C LEU D 17 3.40 -37.97 -28.15
N ARG D 18 2.13 -37.63 -28.38
CA ARG D 18 1.40 -36.69 -27.54
C ARG D 18 0.42 -37.44 -26.66
N LEU D 19 0.46 -37.14 -25.37
CA LEU D 19 -0.42 -37.77 -24.38
C LEU D 19 -1.43 -36.76 -23.87
N SER D 20 -2.66 -37.22 -23.66
CA SER D 20 -3.74 -36.38 -23.19
C SER D 20 -4.40 -37.03 -21.98
N CYS D 21 -4.84 -36.19 -21.04
CA CYS D 21 -5.50 -36.66 -19.82
C CYS D 21 -6.70 -35.76 -19.56
N ALA D 22 -7.90 -36.31 -19.70
CA ALA D 22 -9.13 -35.54 -19.52
C ALA D 22 -9.64 -35.72 -18.09
N ALA D 23 -9.94 -34.61 -17.43
CA ALA D 23 -10.45 -34.60 -16.07
C ALA D 23 -11.95 -34.34 -16.08
N SER D 24 -12.69 -35.14 -15.33
CA SER D 24 -14.14 -35.03 -15.26
C SER D 24 -14.58 -35.07 -13.80
N GLY D 25 -15.69 -34.40 -13.51
CA GLY D 25 -16.28 -34.38 -12.20
C GLY D 25 -15.91 -33.18 -11.35
N ARG D 26 -14.83 -32.47 -11.68
CA ARG D 26 -14.43 -31.32 -10.91
C ARG D 26 -13.58 -30.40 -11.78
N THR D 27 -13.77 -29.09 -11.63
CA THR D 27 -12.99 -28.13 -12.38
C THR D 27 -11.55 -28.10 -11.90
N ILE D 28 -10.62 -28.05 -12.84
CA ILE D 28 -9.19 -28.04 -12.54
C ILE D 28 -8.55 -26.70 -12.94
N SER D 29 -9.36 -25.64 -13.02
CA SER D 29 -8.82 -24.34 -13.40
C SER D 29 -7.86 -23.79 -12.35
N ARG D 30 -8.20 -23.94 -11.07
CA ARG D 30 -7.39 -23.41 -9.98
C ARG D 30 -6.59 -24.50 -9.27
N TYR D 31 -6.38 -25.64 -9.92
CA TYR D 31 -5.63 -26.75 -9.37
C TYR D 31 -4.30 -26.88 -10.10
N ALA D 32 -3.47 -27.81 -9.63
CA ALA D 32 -2.20 -28.14 -10.25
C ALA D 32 -2.22 -29.60 -10.69
N MET D 33 -1.90 -29.84 -11.95
CA MET D 33 -2.00 -31.17 -12.55
C MET D 33 -0.63 -31.56 -13.08
N SER D 34 -0.12 -32.70 -12.62
CA SER D 34 1.23 -33.15 -12.93
C SER D 34 1.18 -34.49 -13.66
N TRP D 35 2.36 -35.06 -13.90
CA TRP D 35 2.50 -36.32 -14.58
C TRP D 35 3.57 -37.16 -13.88
N PHE D 36 3.44 -38.48 -14.01
CA PHE D 36 4.40 -39.40 -13.43
C PHE D 36 4.59 -40.59 -14.38
N ARG D 37 5.75 -41.24 -14.25
CA ARG D 37 6.08 -42.42 -15.03
C ARG D 37 6.41 -43.57 -14.09
N GLN D 38 6.19 -44.79 -14.57
CA GLN D 38 6.44 -46.00 -13.79
C GLN D 38 7.23 -46.98 -14.66
N ALA D 39 8.55 -46.99 -14.48
CA ALA D 39 9.39 -47.94 -15.20
C ALA D 39 9.15 -49.35 -14.66
N PRO D 40 9.06 -50.35 -15.53
CA PRO D 40 8.89 -51.74 -15.06
C PRO D 40 10.07 -52.17 -14.22
N GLY D 41 9.79 -52.61 -12.99
CA GLY D 41 10.81 -53.02 -12.06
C GLY D 41 11.32 -51.93 -11.15
N LYS D 42 10.83 -50.70 -11.28
CA LYS D 42 11.25 -49.60 -10.43
C LYS D 42 10.04 -48.87 -9.86
N GLU D 43 10.27 -47.74 -9.19
CA GLU D 43 9.20 -46.98 -8.58
C GLU D 43 8.79 -45.81 -9.48
N ARG D 44 7.73 -45.11 -9.08
CA ARG D 44 7.24 -43.97 -9.84
C ARG D 44 8.25 -42.83 -9.82
N GLU D 45 8.39 -42.17 -10.96
CA GLU D 45 9.32 -41.06 -11.12
C GLU D 45 8.59 -39.82 -11.61
N PHE D 46 8.95 -38.67 -11.05
CA PHE D 46 8.38 -37.40 -11.49
C PHE D 46 8.99 -36.98 -12.81
N VAL D 47 8.17 -36.38 -13.67
CA VAL D 47 8.59 -35.92 -14.99
C VAL D 47 8.31 -34.43 -15.19
N ALA D 48 7.06 -34.02 -14.99
CA ALA D 48 6.70 -32.63 -15.22
C ALA D 48 5.43 -32.30 -14.46
N VAL D 49 5.27 -31.02 -14.12
CA VAL D 49 4.09 -30.53 -13.43
C VAL D 49 3.62 -29.26 -14.11
N ALA D 50 2.30 -29.13 -14.28
CA ALA D 50 1.68 -27.94 -14.86
C ALA D 50 0.89 -27.23 -13.77
N ARG D 51 1.35 -26.05 -13.39
CA ARG D 51 0.70 -25.26 -12.35
C ARG D 51 -0.45 -24.46 -12.96
N ARG D 52 -0.98 -23.50 -12.20
CA ARG D 52 -2.02 -22.63 -12.71
C ARG D 52 -1.48 -21.76 -13.86
N SER D 53 -2.40 -21.05 -14.51
CA SER D 53 -2.03 -20.19 -15.61
C SER D 53 -1.14 -19.05 -15.13
N GLY D 54 0.05 -18.94 -15.72
CA GLY D 54 0.99 -17.89 -15.40
C GLY D 54 2.06 -18.29 -14.41
N ASP D 55 1.84 -19.36 -13.64
CA ASP D 55 2.85 -19.79 -12.68
C ASP D 55 4.01 -20.51 -13.36
N GLY D 56 3.76 -21.12 -14.52
CA GLY D 56 4.81 -21.80 -15.26
C GLY D 56 4.74 -23.31 -15.10
N ALA D 57 5.68 -23.98 -15.76
CA ALA D 57 5.79 -25.43 -15.72
C ALA D 57 7.22 -25.82 -15.41
N PHE D 58 7.38 -26.86 -14.61
CA PHE D 58 8.68 -27.36 -14.19
C PHE D 58 8.87 -28.79 -14.66
N TYR D 59 10.12 -29.15 -14.93
CA TYR D 59 10.45 -30.45 -15.50
C TYR D 59 11.55 -31.11 -14.67
N ALA D 60 11.58 -32.45 -14.75
CA ALA D 60 12.61 -33.20 -14.05
C ALA D 60 13.96 -33.03 -14.72
N ASP D 61 15.02 -33.42 -14.01
CA ASP D 61 16.37 -33.26 -14.53
C ASP D 61 16.58 -34.11 -15.77
N SER D 62 16.04 -35.33 -15.78
CA SER D 62 16.22 -36.20 -16.94
C SER D 62 15.51 -35.65 -18.17
N VAL D 63 14.25 -35.24 -18.02
CA VAL D 63 13.46 -34.73 -19.13
C VAL D 63 13.61 -33.21 -19.12
N GLN D 64 14.66 -32.72 -19.76
CA GLN D 64 14.91 -31.28 -19.88
C GLN D 64 15.10 -30.94 -21.35
N GLY D 65 14.39 -29.90 -21.81
CA GLY D 65 14.37 -29.57 -23.22
C GLY D 65 13.39 -30.38 -24.04
N ARG D 66 12.82 -31.44 -23.47
CA ARG D 66 11.81 -32.26 -24.12
C ARG D 66 10.65 -32.46 -23.17
N PHE D 67 9.68 -33.30 -23.54
CA PHE D 67 8.54 -33.63 -22.68
C PHE D 67 7.78 -32.37 -22.26
N THR D 68 7.52 -31.51 -23.22
CA THR D 68 6.79 -30.27 -22.94
C THR D 68 5.38 -30.57 -22.46
N VAL D 69 4.95 -29.87 -21.42
CA VAL D 69 3.63 -30.05 -20.82
C VAL D 69 2.84 -28.76 -20.97
N SER D 70 1.60 -28.88 -21.43
CA SER D 70 0.71 -27.74 -21.60
C SER D 70 -0.67 -28.12 -21.11
N ARG D 71 -1.48 -27.12 -20.81
CA ARG D 71 -2.81 -27.32 -20.26
C ARG D 71 -3.86 -26.58 -21.07
N ASP D 72 -5.07 -27.12 -21.06
CA ASP D 72 -6.23 -26.51 -21.70
C ASP D 72 -7.30 -26.33 -20.62
N ASP D 73 -7.38 -25.12 -20.06
CA ASP D 73 -8.32 -24.87 -18.97
C ASP D 73 -9.76 -25.03 -19.42
N ALA D 74 -10.09 -24.55 -20.62
CA ALA D 74 -11.45 -24.68 -21.12
C ALA D 74 -11.82 -26.15 -21.33
N LYS D 75 -10.88 -26.94 -21.86
CA LYS D 75 -11.12 -28.35 -22.10
C LYS D 75 -10.87 -29.22 -20.88
N ASN D 76 -10.35 -28.64 -19.79
CA ASN D 76 -10.04 -29.38 -18.57
C ASN D 76 -9.11 -30.56 -18.87
N THR D 77 -8.13 -30.32 -19.73
CA THR D 77 -7.22 -31.36 -20.18
C THR D 77 -5.82 -30.79 -20.29
N VAL D 78 -4.83 -31.57 -19.84
CA VAL D 78 -3.42 -31.21 -19.99
C VAL D 78 -2.79 -32.17 -20.98
N TYR D 79 -1.77 -31.68 -21.69
CA TYR D 79 -1.10 -32.44 -22.73
C TYR D 79 0.40 -32.48 -22.45
N LEU D 80 1.00 -33.65 -22.65
CA LEU D 80 2.43 -33.86 -22.46
C LEU D 80 3.03 -34.20 -23.81
N GLN D 81 3.64 -33.21 -24.45
CA GLN D 81 4.25 -33.38 -25.77
C GLN D 81 5.70 -33.80 -25.59
N MET D 82 6.01 -35.04 -25.96
CA MET D 82 7.35 -35.61 -25.84
CA MET D 82 7.35 -35.61 -25.84
C MET D 82 7.98 -35.70 -27.22
N ASN D 83 9.21 -35.21 -27.35
CA ASN D 83 9.93 -35.21 -28.60
C ASN D 83 11.29 -35.86 -28.43
N SER D 84 11.81 -36.41 -29.53
CA SER D 84 13.09 -37.11 -29.56
C SER D 84 13.19 -38.16 -28.45
N LEU D 85 12.31 -39.15 -28.55
CA LEU D 85 12.21 -40.18 -27.53
C LEU D 85 13.45 -41.08 -27.53
N LYS D 86 13.68 -41.74 -26.41
CA LYS D 86 14.78 -42.65 -26.21
C LYS D 86 14.27 -43.96 -25.61
N PRO D 87 14.96 -45.07 -25.84
CA PRO D 87 14.51 -46.34 -25.24
C PRO D 87 14.51 -46.33 -23.72
N GLU D 88 15.24 -45.43 -23.09
CA GLU D 88 15.19 -45.32 -21.63
C GLU D 88 13.85 -44.78 -21.12
N ASP D 89 13.01 -44.27 -22.00
CA ASP D 89 11.72 -43.70 -21.61
C ASP D 89 10.59 -44.73 -21.55
N THR D 90 10.87 -45.98 -21.86
CA THR D 90 9.83 -47.02 -21.82
C THR D 90 9.32 -47.20 -20.40
N ALA D 91 8.07 -46.79 -20.16
CA ALA D 91 7.47 -46.86 -18.84
C ALA D 91 5.97 -46.62 -18.98
N VAL D 92 5.25 -46.89 -17.90
CA VAL D 92 3.83 -46.59 -17.83
C VAL D 92 3.67 -45.17 -17.28
N TYR D 93 3.00 -44.32 -18.04
CA TYR D 93 2.88 -42.90 -17.72
C TYR D 93 1.58 -42.68 -16.96
N TYR D 94 1.70 -42.28 -15.70
CA TYR D 94 0.55 -41.99 -14.86
C TYR D 94 0.32 -40.49 -14.79
N CYS D 95 -0.76 -40.10 -14.13
CA CYS D 95 -1.11 -38.70 -13.95
CA CYS D 95 -1.11 -38.70 -13.95
C CYS D 95 -1.52 -38.46 -12.50
N ALA D 96 -1.33 -37.23 -12.04
CA ALA D 96 -1.67 -36.87 -10.67
C ALA D 96 -2.30 -35.48 -10.65
N ILE D 97 -3.10 -35.24 -9.62
CA ILE D 97 -3.74 -33.95 -9.39
C ILE D 97 -3.38 -33.48 -7.99
N ASP D 98 -3.02 -32.20 -7.87
CA ASP D 98 -2.63 -31.62 -6.60
C ASP D 98 -3.87 -31.10 -5.89
N SER D 99 -4.26 -31.78 -4.80
CA SER D 99 -5.44 -31.37 -4.04
C SER D 99 -5.25 -30.00 -3.40
N ASP D 100 -4.08 -29.76 -2.82
CA ASP D 100 -3.84 -28.50 -2.13
C ASP D 100 -3.66 -27.36 -3.13
N THR D 101 -4.10 -26.17 -2.73
CA THR D 101 -4.00 -25.00 -3.59
C THR D 101 -2.57 -24.45 -3.64
N PHE D 102 -1.86 -24.50 -2.52
CA PHE D 102 -0.54 -23.89 -2.39
C PHE D 102 0.59 -24.80 -2.88
N TYR D 103 0.28 -25.80 -3.70
CA TYR D 103 1.27 -26.67 -4.34
C TYR D 103 2.17 -27.36 -3.32
N SER D 104 1.54 -27.92 -2.28
CA SER D 104 2.29 -28.68 -1.29
C SER D 104 2.78 -30.02 -1.86
N GLY D 105 2.01 -30.62 -2.76
CA GLY D 105 2.37 -31.90 -3.32
C GLY D 105 1.49 -33.03 -2.83
N SER D 106 0.25 -32.71 -2.46
CA SER D 106 -0.70 -33.69 -1.95
C SER D 106 -1.52 -34.23 -3.11
N TYR D 107 -1.08 -35.35 -3.68
CA TYR D 107 -1.77 -36.00 -4.78
C TYR D 107 -2.78 -36.99 -4.21
N ASP D 108 -4.07 -36.71 -4.39
CA ASP D 108 -5.14 -37.54 -3.86
C ASP D 108 -5.68 -38.53 -4.89
N TYR D 109 -5.83 -38.11 -6.14
CA TYR D 109 -6.38 -38.96 -7.19
C TYR D 109 -5.32 -39.20 -8.25
N TRP D 110 -5.14 -40.46 -8.63
CA TRP D 110 -4.20 -40.86 -9.67
C TRP D 110 -4.95 -41.52 -10.82
N GLY D 111 -4.42 -41.34 -12.03
CA GLY D 111 -5.01 -41.96 -13.19
C GLY D 111 -4.65 -43.43 -13.33
N GLN D 112 -5.37 -44.09 -14.23
CA GLN D 112 -5.11 -45.51 -14.49
C GLN D 112 -3.77 -45.71 -15.19
N GLY D 113 -3.38 -44.77 -16.03
CA GLY D 113 -2.10 -44.84 -16.73
C GLY D 113 -2.23 -45.45 -18.11
N THR D 114 -1.16 -45.29 -18.88
CA THR D 114 -1.08 -45.83 -20.23
C THR D 114 0.32 -46.39 -20.46
N GLN D 115 0.42 -47.34 -21.38
CA GLN D 115 1.68 -48.01 -21.69
C GLN D 115 2.30 -47.39 -22.93
N VAL D 116 3.56 -46.97 -22.83
CA VAL D 116 4.30 -46.38 -23.93
C VAL D 116 5.59 -47.14 -24.10
N THR D 117 5.86 -47.60 -25.33
CA THR D 117 7.07 -48.35 -25.64
C THR D 117 7.83 -47.64 -26.75
N VAL D 118 9.13 -47.43 -26.52
CA VAL D 118 10.01 -46.80 -27.49
C VAL D 118 11.06 -47.85 -27.87
N SER D 119 10.78 -48.61 -28.92
CA SER D 119 11.68 -49.66 -29.38
C SER D 119 11.83 -49.59 -30.89
N SER D 120 12.94 -50.11 -31.38
CA SER D 120 13.22 -50.11 -32.81
C SER D 120 12.39 -51.17 -33.52
#